data_5G5V
#
_entry.id   5G5V
#
_cell.length_a   147.690
_cell.length_b   114.781
_cell.length_c   64.009
_cell.angle_alpha   90.00
_cell.angle_beta   109.40
_cell.angle_gamma   90.00
#
_symmetry.space_group_name_H-M   'C 1 2 1'
#
loop_
_entity.id
_entity.type
_entity.pdbx_description
1 polymer 'PHOSPHODIESTERASE B1'
2 non-polymer 'ZINC ION'
3 non-polymer 'MAGNESIUM ION'
4 non-polymer GUANIDINE
5 non-polymer 1,2-ETHANEDIOL
6 non-polymer 'FORMIC ACID'
7 non-polymer (4AS,8AR)-4-(3-{4-[(3R)-3-HYDROXYPYRROLIDINE-1-
8 water water
#
_entity_poly.entity_id   1
_entity_poly.type   'polypeptide(L)'
_entity_poly.pdbx_seq_one_letter_code
;GSHMASELNEHRATLFNKNVPSRAVKRVTAITKVEREAVLVCELPSFDVTDVEFDLFRARESTDKPLDVAAAIAYRLLLG
SGLPQKFGCSDEVLLNFILQCRKKYRNVPYHNFYHVVDVCQTIHTFLYRGNVYEKLTELECFVLLITALVHDLDHMGLNN
SFYLKTESPLGILSSASGNTSVLEVHHCNLAVEILSDPESDVFDGLEGAERTLAFRSMIDCVLATDMAKHGSALEAFLAS
AADQSSDEAAFHRMTMEIILKAGDISNVTKPFDISRQWAMAVTEEFYRQGDMEKERGVEVLPMFDRSKNMELAKGQIGFI
DFVAAPFFQKIVDACLQGMQWTVDRIKSNRAQWERVLETR
;
_entity_poly.pdbx_strand_id   A,B
#
# COMPACT_ATOMS: atom_id res chain seq x y z
N VAL A 25 -3.25 -5.19 4.02
CA VAL A 25 -3.17 -6.61 4.50
C VAL A 25 -4.25 -6.87 5.55
N LYS A 26 -5.49 -6.89 5.10
CA LYS A 26 -6.63 -6.94 6.01
C LYS A 26 -7.97 -7.13 5.30
N ARG A 27 -9.01 -7.38 6.10
CA ARG A 27 -10.30 -7.83 5.60
C ARG A 27 -10.97 -6.91 4.59
N VAL A 28 -11.83 -7.54 3.80
CA VAL A 28 -12.68 -6.88 2.81
C VAL A 28 -14.10 -7.37 3.10
N THR A 29 -15.11 -6.70 2.51
CA THR A 29 -16.50 -7.12 2.69
C THR A 29 -16.73 -8.50 2.05
N ALA A 30 -17.52 -9.34 2.72
CA ALA A 30 -17.78 -10.70 2.27
C ALA A 30 -18.60 -10.74 0.99
N ILE A 31 -18.25 -11.66 0.09
CA ILE A 31 -19.03 -11.96 -1.11
C ILE A 31 -20.30 -12.70 -0.67
N THR A 32 -21.43 -12.32 -1.26
CA THR A 32 -22.75 -12.90 -0.94
C THR A 32 -23.19 -14.02 -1.89
N LYS A 33 -24.14 -14.82 -1.41
CA LYS A 33 -24.78 -15.86 -2.20
C LYS A 33 -25.35 -15.33 -3.53
N VAL A 34 -26.03 -14.18 -3.49
CA VAL A 34 -26.68 -13.61 -4.67
C VAL A 34 -25.64 -13.20 -5.75
N GLU A 35 -24.53 -12.60 -5.33
CA GLU A 35 -23.43 -12.23 -6.24
C GLU A 35 -22.85 -13.46 -6.94
N ARG A 36 -22.63 -14.53 -6.19
CA ARG A 36 -22.15 -15.80 -6.78
C ARG A 36 -23.15 -16.41 -7.78
N GLU A 37 -24.44 -16.41 -7.42
CA GLU A 37 -25.49 -16.98 -8.30
C GLU A 37 -25.60 -16.23 -9.63
N ALA A 38 -25.42 -14.90 -9.60
CA ALA A 38 -25.45 -14.10 -10.82
C ALA A 38 -24.35 -14.48 -11.83
N VAL A 39 -23.20 -14.98 -11.35
CA VAL A 39 -22.16 -15.50 -12.26
C VAL A 39 -22.50 -16.92 -12.74
N LEU A 40 -22.91 -17.78 -11.82
CA LEU A 40 -23.18 -19.20 -12.13
C LEU A 40 -24.30 -19.46 -13.16
N VAL A 41 -25.25 -18.52 -13.30
CA VAL A 41 -26.32 -18.66 -14.32
C VAL A 41 -25.92 -18.30 -15.77
N CYS A 42 -24.73 -17.70 -15.98
CA CYS A 42 -24.28 -17.37 -17.34
C CYS A 42 -23.92 -18.63 -18.14
N GLU A 43 -24.40 -18.75 -19.37
CA GLU A 43 -24.33 -20.03 -20.11
C GLU A 43 -23.18 -20.17 -21.13
N LEU A 44 -22.91 -19.14 -21.91
CA LEU A 44 -21.80 -19.12 -22.87
C LEU A 44 -21.80 -20.21 -23.98
N PRO A 45 -23.00 -20.63 -24.46
CA PRO A 45 -22.94 -21.63 -25.53
C PRO A 45 -22.41 -20.97 -26.80
N SER A 46 -21.72 -21.74 -27.64
CA SER A 46 -21.06 -21.21 -28.85
C SER A 46 -19.80 -20.35 -28.58
N PHE A 47 -19.29 -20.34 -27.34
CA PHE A 47 -17.94 -19.85 -27.04
C PHE A 47 -17.09 -21.03 -26.58
N ASP A 48 -15.81 -21.01 -26.96
CA ASP A 48 -14.80 -21.89 -26.42
C ASP A 48 -13.72 -20.97 -25.84
N VAL A 49 -13.72 -20.89 -24.51
CA VAL A 49 -12.79 -20.02 -23.78
C VAL A 49 -11.32 -20.47 -23.87
N THR A 50 -11.05 -21.69 -24.36
CA THR A 50 -9.67 -22.19 -24.54
C THR A 50 -9.06 -21.91 -25.93
N ASP A 51 -9.85 -21.38 -26.85
CA ASP A 51 -9.45 -21.19 -28.25
C ASP A 51 -8.68 -19.87 -28.47
N VAL A 52 -7.66 -19.87 -29.32
CA VAL A 52 -6.93 -18.62 -29.67
C VAL A 52 -7.80 -17.58 -30.42
N GLU A 53 -8.94 -17.99 -30.99
CA GLU A 53 -9.87 -17.07 -31.69
C GLU A 53 -11.02 -16.58 -30.81
N PHE A 54 -11.03 -16.93 -29.52
CA PHE A 54 -12.06 -16.47 -28.60
C PHE A 54 -12.15 -14.94 -28.61
N ASP A 55 -13.38 -14.42 -28.65
CA ASP A 55 -13.66 -13.00 -28.80
C ASP A 55 -14.41 -12.48 -27.56
N LEU A 56 -13.66 -11.84 -26.66
CA LEU A 56 -14.24 -11.29 -25.43
C LEU A 56 -15.23 -10.15 -25.68
N PHE A 57 -15.01 -9.39 -26.77
CA PHE A 57 -15.92 -8.29 -27.15
C PHE A 57 -17.30 -8.84 -27.54
N ARG A 58 -17.34 -9.94 -28.29
CA ARG A 58 -18.62 -10.59 -28.64
C ARG A 58 -19.29 -11.19 -27.41
N ALA A 59 -18.51 -11.83 -26.52
CA ALA A 59 -19.06 -12.31 -25.25
C ALA A 59 -19.69 -11.19 -24.42
N ARG A 60 -19.00 -10.05 -24.30
CA ARG A 60 -19.56 -8.87 -23.60
C ARG A 60 -20.85 -8.34 -24.24
N GLU A 61 -20.91 -8.33 -25.57
CA GLU A 61 -22.09 -7.82 -26.29
C GLU A 61 -23.30 -8.76 -26.24
N SER A 62 -23.08 -10.03 -25.90
CA SER A 62 -24.13 -11.04 -25.94
C SER A 62 -25.15 -11.00 -24.80
N THR A 63 -24.99 -10.10 -23.84
CA THR A 63 -25.77 -10.12 -22.61
C THR A 63 -25.79 -8.70 -22.03
N ASP A 64 -26.83 -8.38 -21.25
CA ASP A 64 -26.94 -7.07 -20.57
C ASP A 64 -26.14 -6.94 -19.25
N LYS A 65 -25.57 -8.04 -18.76
CA LYS A 65 -24.65 -8.06 -17.62
C LYS A 65 -23.23 -8.55 -18.01
N PRO A 66 -22.49 -7.73 -18.79
CA PRO A 66 -21.14 -8.13 -19.26
C PRO A 66 -20.12 -8.38 -18.14
N LEU A 67 -20.28 -7.75 -16.98
CA LEU A 67 -19.39 -8.01 -15.85
C LEU A 67 -19.58 -9.42 -15.26
N ASP A 68 -20.82 -9.93 -15.28
CA ASP A 68 -21.09 -11.30 -14.82
C ASP A 68 -20.56 -12.31 -15.84
N VAL A 69 -20.71 -12.03 -17.14
CA VAL A 69 -20.18 -12.91 -18.18
C VAL A 69 -18.65 -12.99 -18.09
N ALA A 70 -17.99 -11.85 -17.88
CA ALA A 70 -16.52 -11.83 -17.73
C ALA A 70 -16.03 -12.68 -16.53
N ALA A 71 -16.69 -12.52 -15.38
CA ALA A 71 -16.40 -13.35 -14.22
C ALA A 71 -16.60 -14.87 -14.47
N ALA A 72 -17.67 -15.22 -15.19
CA ALA A 72 -17.96 -16.62 -15.57
C ALA A 72 -16.86 -17.22 -16.49
N ILE A 73 -16.32 -16.40 -17.40
CA ILE A 73 -15.22 -16.82 -18.27
C ILE A 73 -13.98 -17.19 -17.43
N ALA A 74 -13.60 -16.31 -16.52
CA ALA A 74 -12.48 -16.57 -15.60
C ALA A 74 -12.71 -17.85 -14.76
N TYR A 75 -13.91 -17.97 -14.21
CA TYR A 75 -14.31 -19.15 -13.40
C TYR A 75 -14.21 -20.45 -14.20
N ARG A 76 -14.80 -20.47 -15.40
CA ARG A 76 -14.79 -21.70 -16.25
C ARG A 76 -13.40 -22.04 -16.76
N LEU A 77 -12.59 -21.03 -17.11
CA LEU A 77 -11.17 -21.25 -17.46
C LEU A 77 -10.37 -21.92 -16.33
N LEU A 78 -10.43 -21.35 -15.12
CA LEU A 78 -9.67 -21.86 -13.98
C LEU A 78 -10.15 -23.28 -13.57
N LEU A 79 -11.45 -23.48 -13.45
CA LEU A 79 -11.97 -24.81 -13.09
C LEU A 79 -11.72 -25.86 -14.17
N GLY A 80 -11.88 -25.46 -15.44
CA GLY A 80 -11.61 -26.37 -16.58
C GLY A 80 -10.17 -26.85 -16.64
N SER A 81 -9.24 -26.07 -16.11
CA SER A 81 -7.82 -26.42 -16.12
C SER A 81 -7.47 -27.57 -15.15
N GLY A 82 -8.29 -27.79 -14.13
CA GLY A 82 -7.97 -28.77 -13.10
C GLY A 82 -7.00 -28.32 -12.01
N LEU A 83 -6.50 -27.09 -12.11
CA LEU A 83 -5.42 -26.62 -11.22
C LEU A 83 -5.88 -26.24 -9.80
N PRO A 84 -6.99 -25.49 -9.66
CA PRO A 84 -7.48 -25.22 -8.31
C PRO A 84 -7.81 -26.50 -7.54
N GLN A 85 -8.40 -27.46 -8.23
CA GLN A 85 -8.75 -28.77 -7.63
C GLN A 85 -7.48 -29.47 -7.12
N LYS A 86 -6.43 -29.47 -7.94
CA LYS A 86 -5.15 -30.07 -7.54
C LYS A 86 -4.55 -29.42 -6.29
N PHE A 87 -4.68 -28.09 -6.17
CA PHE A 87 -4.02 -27.35 -5.09
C PHE A 87 -4.90 -26.91 -3.93
N GLY A 88 -6.04 -27.59 -3.76
CA GLY A 88 -6.85 -27.44 -2.55
C GLY A 88 -7.75 -26.21 -2.49
N CYS A 89 -8.04 -25.61 -3.65
CA CYS A 89 -8.93 -24.44 -3.74
C CYS A 89 -10.33 -24.85 -4.17
N SER A 90 -11.31 -24.69 -3.30
CA SER A 90 -12.69 -25.09 -3.62
C SER A 90 -13.33 -24.18 -4.66
N ASP A 91 -14.41 -24.67 -5.30
CA ASP A 91 -15.16 -23.88 -6.29
C ASP A 91 -15.62 -22.54 -5.69
N GLU A 92 -16.11 -22.58 -4.46
CA GLU A 92 -16.64 -21.38 -3.81
C GLU A 92 -15.54 -20.35 -3.47
N VAL A 93 -14.40 -20.80 -2.93
CA VAL A 93 -13.27 -19.89 -2.67
C VAL A 93 -12.75 -19.25 -3.98
N LEU A 94 -12.67 -20.05 -5.06
CA LEU A 94 -12.26 -19.53 -6.38
C LEU A 94 -13.20 -18.41 -6.88
N LEU A 95 -14.51 -18.67 -6.81
CA LEU A 95 -15.50 -17.67 -7.24
C LEU A 95 -15.47 -16.43 -6.38
N ASN A 96 -15.38 -16.58 -5.04
CA ASN A 96 -15.21 -15.43 -4.15
C ASN A 96 -13.99 -14.58 -4.55
N PHE A 97 -12.87 -15.24 -4.82
CA PHE A 97 -11.63 -14.55 -5.20
C PHE A 97 -11.83 -13.73 -6.49
N ILE A 98 -12.45 -14.33 -7.49
CA ILE A 98 -12.72 -13.65 -8.78
C ILE A 98 -13.58 -12.40 -8.57
N LEU A 99 -14.60 -12.53 -7.72
CA LEU A 99 -15.50 -11.40 -7.40
C LEU A 99 -14.85 -10.30 -6.53
N GLN A 100 -13.96 -10.67 -5.61
CA GLN A 100 -13.19 -9.66 -4.87
C GLN A 100 -12.23 -8.90 -5.80
N CYS A 101 -11.59 -9.59 -6.75
CA CYS A 101 -10.81 -8.91 -7.80
C CYS A 101 -11.67 -7.91 -8.60
N ARG A 102 -12.82 -8.39 -9.09
CA ARG A 102 -13.73 -7.57 -9.90
C ARG A 102 -14.10 -6.25 -9.21
N LYS A 103 -14.42 -6.32 -7.93
CA LYS A 103 -14.79 -5.13 -7.12
C LYS A 103 -13.70 -4.05 -7.04
N LYS A 104 -12.45 -4.44 -7.19
CA LYS A 104 -11.34 -3.51 -7.11
C LYS A 104 -10.83 -2.99 -8.47
N TYR A 105 -11.50 -3.32 -9.60
CA TYR A 105 -11.18 -2.67 -10.88
C TYR A 105 -12.12 -1.47 -11.07
N ARG A 106 -11.61 -0.43 -11.71
CA ARG A 106 -12.36 0.82 -11.94
C ARG A 106 -13.03 0.89 -13.32
N ASN A 107 -13.95 1.84 -13.45
CA ASN A 107 -14.55 2.18 -14.73
C ASN A 107 -13.59 3.09 -15.53
N VAL A 108 -12.57 2.47 -16.13
CA VAL A 108 -11.58 3.16 -16.95
C VAL A 108 -11.65 2.58 -18.35
N PRO A 109 -11.16 3.30 -19.37
CA PRO A 109 -11.35 2.79 -20.74
C PRO A 109 -10.66 1.46 -21.08
N TYR A 110 -9.47 1.21 -20.54
CA TYR A 110 -8.67 0.01 -20.88
C TYR A 110 -8.28 -0.89 -19.68
N HIS A 111 -7.71 -0.29 -18.63
CA HIS A 111 -7.12 -1.06 -17.51
C HIS A 111 -8.16 -1.50 -16.49
N ASN A 112 -9.14 -2.25 -17.00
CA ASN A 112 -10.32 -2.61 -16.26
C ASN A 112 -10.42 -4.15 -16.12
N PHE A 113 -11.53 -4.64 -15.55
CA PHE A 113 -11.69 -6.11 -15.33
C PHE A 113 -11.61 -6.94 -16.64
N TYR A 114 -12.09 -6.34 -17.75
CA TYR A 114 -12.04 -7.01 -19.06
C TYR A 114 -10.59 -7.25 -19.52
N HIS A 115 -9.71 -6.26 -19.28
CA HIS A 115 -8.29 -6.45 -19.62
C HIS A 115 -7.68 -7.65 -18.87
N VAL A 116 -7.97 -7.77 -17.57
CA VAL A 116 -7.34 -8.84 -16.79
C VAL A 116 -7.91 -10.23 -17.07
N VAL A 117 -9.20 -10.31 -17.39
CA VAL A 117 -9.80 -11.58 -17.83
C VAL A 117 -9.21 -11.96 -19.18
N ASP A 118 -9.02 -10.98 -20.06
CA ASP A 118 -8.33 -11.22 -21.35
C ASP A 118 -6.90 -11.77 -21.17
N VAL A 119 -6.12 -11.16 -20.26
CA VAL A 119 -4.74 -11.62 -19.98
C VAL A 119 -4.74 -13.07 -19.44
N CYS A 120 -5.69 -13.37 -18.54
CA CYS A 120 -5.85 -14.73 -17.98
C CYS A 120 -6.15 -15.77 -19.08
N GLN A 121 -7.16 -15.48 -19.92
CA GLN A 121 -7.52 -16.32 -21.06
C GLN A 121 -6.34 -16.52 -22.03
N THR A 122 -5.63 -15.43 -22.32
CA THR A 122 -4.50 -15.48 -23.24
C THR A 122 -3.34 -16.33 -22.72
N ILE A 123 -2.99 -16.17 -21.45
CA ILE A 123 -1.96 -16.98 -20.79
C ILE A 123 -2.34 -18.48 -20.82
N HIS A 124 -3.62 -18.79 -20.62
CA HIS A 124 -4.10 -20.19 -20.73
C HIS A 124 -3.75 -20.75 -22.13
N THR A 125 -4.00 -19.97 -23.19
CA THR A 125 -3.63 -20.40 -24.54
C THR A 125 -2.11 -20.58 -24.73
N PHE A 126 -1.29 -19.70 -24.14
CA PHE A 126 0.16 -19.87 -24.24
C PHE A 126 0.62 -21.16 -23.56
N LEU A 127 0.08 -21.42 -22.38
CA LEU A 127 0.40 -22.63 -21.64
C LEU A 127 -0.05 -23.90 -22.34
N TYR A 128 -1.28 -23.93 -22.85
CA TYR A 128 -1.90 -25.20 -23.27
C TYR A 128 -2.11 -25.40 -24.77
N ARG A 129 -2.14 -24.32 -25.55
CA ARG A 129 -2.08 -24.41 -27.03
C ARG A 129 -0.66 -24.20 -27.53
N GLY A 130 0.10 -23.33 -26.86
CA GLY A 130 1.51 -23.15 -27.12
C GLY A 130 2.46 -24.08 -26.40
N ASN A 131 1.92 -24.95 -25.54
CA ASN A 131 2.70 -25.95 -24.78
C ASN A 131 3.81 -25.41 -23.87
N VAL A 132 3.66 -24.17 -23.39
CA VAL A 132 4.58 -23.62 -22.42
C VAL A 132 4.43 -24.35 -21.06
N TYR A 133 3.31 -25.04 -20.83
CA TYR A 133 3.17 -25.88 -19.61
C TYR A 133 4.34 -26.90 -19.47
N GLU A 134 4.97 -27.32 -20.59
CA GLU A 134 6.16 -28.20 -20.57
C GLU A 134 7.39 -27.62 -19.87
N LYS A 135 7.47 -26.29 -19.80
CA LYS A 135 8.61 -25.60 -19.19
C LYS A 135 8.43 -25.30 -17.70
N LEU A 136 7.19 -25.46 -17.19
CA LEU A 136 6.83 -25.04 -15.83
C LEU A 136 6.21 -26.17 -15.03
N THR A 137 6.23 -26.06 -13.70
CA THR A 137 5.51 -27.00 -12.83
C THR A 137 4.01 -26.68 -12.84
N GLU A 138 3.19 -27.65 -12.43
CA GLU A 138 1.76 -27.40 -12.32
C GLU A 138 1.46 -26.25 -11.33
N LEU A 139 2.21 -26.17 -10.24
CA LEU A 139 2.00 -25.11 -9.24
C LEU A 139 2.29 -23.73 -9.86
N GLU A 140 3.36 -23.64 -10.65
CA GLU A 140 3.71 -22.38 -11.36
C GLU A 140 2.63 -21.97 -12.37
N CYS A 141 2.05 -22.95 -13.08
CA CYS A 141 0.92 -22.70 -13.97
C CYS A 141 -0.32 -22.13 -13.22
N PHE A 142 -0.65 -22.73 -12.09
CA PHE A 142 -1.74 -22.22 -11.21
C PHE A 142 -1.47 -20.78 -10.75
N VAL A 143 -0.27 -20.53 -10.24
CA VAL A 143 0.10 -19.18 -9.76
C VAL A 143 0.01 -18.13 -10.91
N LEU A 144 0.44 -18.51 -12.11
CA LEU A 144 0.31 -17.60 -13.28
C LEU A 144 -1.11 -17.17 -13.64
N LEU A 145 -2.03 -18.14 -13.70
CA LEU A 145 -3.43 -17.86 -14.04
C LEU A 145 -4.12 -17.00 -12.98
N ILE A 146 -3.82 -17.27 -11.71
CA ILE A 146 -4.31 -16.44 -10.59
C ILE A 146 -3.71 -15.01 -10.66
N THR A 147 -2.41 -14.92 -10.88
CA THR A 147 -1.70 -13.64 -10.93
C THR A 147 -2.22 -12.71 -12.05
N ALA A 148 -2.56 -13.28 -13.20
CA ALA A 148 -3.21 -12.51 -14.26
C ALA A 148 -4.42 -11.71 -13.75
N LEU A 149 -5.22 -12.30 -12.86
CA LEU A 149 -6.42 -11.61 -12.40
C LEU A 149 -6.16 -10.46 -11.39
N VAL A 150 -5.00 -10.48 -10.70
CA VAL A 150 -4.64 -9.43 -9.73
C VAL A 150 -3.69 -8.34 -10.29
N HIS A 151 -3.17 -8.54 -11.51
CA HIS A 151 -1.94 -7.83 -11.88
C HIS A 151 -2.10 -6.32 -12.14
N ASP A 152 -3.34 -5.83 -12.31
CA ASP A 152 -3.61 -4.40 -12.49
C ASP A 152 -4.63 -3.83 -11.48
N LEU A 153 -4.78 -4.45 -10.30
CA LEU A 153 -5.84 -4.05 -9.33
C LEU A 153 -5.86 -2.52 -9.03
N ASP A 154 -7.04 -1.91 -9.14
CA ASP A 154 -7.29 -0.48 -8.81
C ASP A 154 -6.49 0.49 -9.71
N HIS A 155 -6.17 0.08 -10.94
CA HIS A 155 -5.51 0.95 -11.93
C HIS A 155 -6.44 2.15 -12.23
N MET A 156 -5.86 3.36 -12.19
CA MET A 156 -6.63 4.62 -12.41
C MET A 156 -6.43 5.22 -13.81
N GLY A 157 -5.94 4.40 -14.74
CA GLY A 157 -5.63 4.83 -16.11
C GLY A 157 -4.49 5.80 -16.28
N LEU A 158 -3.55 5.82 -15.34
CA LEU A 158 -2.41 6.74 -15.36
C LEU A 158 -1.12 5.94 -15.10
N ASN A 159 -0.06 6.18 -15.86
CA ASN A 159 1.17 5.37 -15.71
C ASN A 159 2.09 5.92 -14.61
N ASN A 160 3.19 5.22 -14.31
CA ASN A 160 4.10 5.64 -13.25
C ASN A 160 4.67 7.06 -13.47
N SER A 161 5.00 7.38 -14.71
CA SER A 161 5.55 8.71 -15.02
C SER A 161 4.61 9.85 -14.61
N PHE A 162 3.30 9.64 -14.75
CA PHE A 162 2.34 10.67 -14.35
C PHE A 162 2.51 11.08 -12.87
N TYR A 163 2.59 10.07 -12.00
CA TYR A 163 2.62 10.32 -10.55
C TYR A 163 3.90 11.02 -10.14
N LEU A 164 5.00 10.64 -10.79
CA LEU A 164 6.30 11.21 -10.48
C LEU A 164 6.43 12.64 -11.04
N LYS A 165 6.07 12.83 -12.31
CA LYS A 165 6.14 14.17 -12.94
C LYS A 165 5.25 15.26 -12.31
N THR A 166 4.09 14.88 -11.75
CA THR A 166 3.10 15.85 -11.26
C THR A 166 3.10 16.05 -9.74
N GLU A 167 3.94 15.31 -9.02
CA GLU A 167 3.92 15.31 -7.55
C GLU A 167 2.53 15.01 -6.96
N SER A 168 1.82 14.06 -7.57
CA SER A 168 0.59 13.49 -7.00
C SER A 168 0.99 12.76 -5.70
N PRO A 169 0.10 12.72 -4.68
CA PRO A 169 0.48 12.10 -3.39
C PRO A 169 1.17 10.72 -3.45
N LEU A 170 0.69 9.81 -4.30
CA LEU A 170 1.37 8.50 -4.47
C LEU A 170 2.77 8.57 -5.09
N GLY A 171 3.01 9.58 -5.93
CA GLY A 171 4.34 9.87 -6.46
C GLY A 171 5.29 10.39 -5.39
N ILE A 172 4.77 11.24 -4.51
CA ILE A 172 5.55 11.71 -3.35
C ILE A 172 5.92 10.52 -2.44
N LEU A 173 4.97 9.61 -2.20
CA LEU A 173 5.25 8.43 -1.38
C LEU A 173 6.31 7.49 -2.00
N SER A 174 6.25 7.27 -3.32
CA SER A 174 7.31 6.54 -4.03
C SER A 174 8.68 7.22 -3.98
N SER A 175 8.70 8.53 -4.16
CA SER A 175 9.93 9.34 -4.05
C SER A 175 10.55 9.21 -2.63
N ALA A 176 9.73 9.37 -1.59
CA ALA A 176 10.18 9.22 -0.19
C ALA A 176 10.54 7.78 0.18
N SER A 177 9.84 6.82 -0.40
CA SER A 177 9.93 5.41 -0.05
C SER A 177 11.07 4.66 -0.76
N GLY A 178 11.46 5.12 -1.95
CA GLY A 178 12.48 4.45 -2.78
C GLY A 178 11.98 3.90 -4.12
N ASN A 179 10.89 3.15 -4.11
CA ASN A 179 10.46 2.40 -5.31
C ASN A 179 9.73 3.29 -6.33
N THR A 180 10.18 3.26 -7.57
CA THR A 180 9.54 4.00 -8.67
C THR A 180 8.42 3.23 -9.39
N SER A 181 8.21 1.95 -9.07
CA SER A 181 7.08 1.17 -9.62
C SER A 181 5.84 1.44 -8.78
N VAL A 182 5.33 2.67 -8.92
CA VAL A 182 4.19 3.15 -8.11
C VAL A 182 2.99 2.22 -8.28
N LEU A 183 2.62 1.97 -9.52
CA LEU A 183 1.42 1.18 -9.85
C LEU A 183 1.56 -0.26 -9.38
N GLU A 184 2.69 -0.87 -9.70
CA GLU A 184 2.86 -2.32 -9.51
C GLU A 184 2.95 -2.71 -8.03
N VAL A 185 3.58 -1.88 -7.20
CA VAL A 185 3.58 -2.11 -5.75
C VAL A 185 2.13 -2.00 -5.19
N HIS A 186 1.39 -1.01 -5.67
CA HIS A 186 -0.03 -0.86 -5.29
C HIS A 186 -0.86 -2.10 -5.66
N HIS A 187 -0.69 -2.62 -6.88
CA HIS A 187 -1.42 -3.82 -7.29
C HIS A 187 -1.10 -5.01 -6.31
N CYS A 188 0.19 -5.19 -5.99
CA CYS A 188 0.63 -6.22 -5.02
C CYS A 188 -0.01 -6.07 -3.63
N ASN A 189 -0.01 -4.85 -3.10
CA ASN A 189 -0.68 -4.57 -1.82
C ASN A 189 -2.13 -5.04 -1.78
N LEU A 190 -2.87 -4.76 -2.85
CA LEU A 190 -4.28 -5.13 -2.92
C LEU A 190 -4.47 -6.64 -3.14
N ALA A 191 -3.56 -7.29 -3.85
CA ALA A 191 -3.60 -8.75 -3.98
C ALA A 191 -3.45 -9.42 -2.59
N VAL A 192 -2.50 -8.94 -1.81
CA VAL A 192 -2.26 -9.44 -0.45
C VAL A 192 -3.48 -9.22 0.42
N GLU A 193 -4.13 -8.07 0.28
CA GLU A 193 -5.37 -7.75 1.00
C GLU A 193 -6.50 -8.77 0.71
N ILE A 194 -6.73 -9.07 -0.57
CA ILE A 194 -7.75 -10.04 -0.96
C ILE A 194 -7.44 -11.44 -0.43
N LEU A 195 -6.18 -11.86 -0.52
CA LEU A 195 -5.80 -13.20 -0.09
C LEU A 195 -5.77 -13.34 1.47
N SER A 196 -5.82 -12.23 2.19
CA SER A 196 -5.87 -12.25 3.67
C SER A 196 -7.19 -12.77 4.25
N ASP A 197 -8.26 -12.73 3.46
CA ASP A 197 -9.55 -13.31 3.86
C ASP A 197 -9.58 -14.82 3.52
N PRO A 198 -9.76 -15.71 4.54
CA PRO A 198 -9.86 -17.15 4.24
C PRO A 198 -10.92 -17.53 3.18
N GLU A 199 -12.01 -16.77 3.10
CA GLU A 199 -13.07 -17.04 2.11
C GLU A 199 -12.64 -16.80 0.65
N SER A 200 -11.55 -16.06 0.42
CA SER A 200 -11.04 -15.78 -0.92
C SER A 200 -9.54 -16.13 -1.10
N ASP A 201 -8.98 -16.93 -0.17
CA ASP A 201 -7.57 -17.30 -0.22
C ASP A 201 -7.38 -18.56 -1.05
N VAL A 202 -7.11 -18.37 -2.34
CA VAL A 202 -6.91 -19.46 -3.27
C VAL A 202 -5.62 -20.26 -3.03
N PHE A 203 -4.72 -19.76 -2.16
CA PHE A 203 -3.48 -20.45 -1.78
C PHE A 203 -3.54 -21.08 -0.36
N ASP A 204 -4.73 -21.17 0.24
CA ASP A 204 -4.87 -21.69 1.62
C ASP A 204 -4.66 -23.21 1.72
N GLY A 205 -4.86 -23.93 0.61
CA GLY A 205 -4.54 -25.36 0.53
C GLY A 205 -3.08 -25.73 0.37
N LEU A 206 -2.20 -24.73 0.20
CA LEU A 206 -0.78 -24.97 0.06
C LEU A 206 -0.13 -25.02 1.43
N GLU A 207 0.88 -25.87 1.55
CA GLU A 207 1.63 -26.01 2.80
C GLU A 207 2.94 -25.22 2.75
N GLY A 208 3.40 -24.83 3.94
CA GLY A 208 4.67 -24.16 4.19
C GLY A 208 5.47 -23.50 3.08
N ALA A 209 6.46 -24.23 2.60
CA ALA A 209 7.38 -23.73 1.57
C ALA A 209 6.67 -23.37 0.24
N GLU A 210 5.66 -24.16 -0.12
CA GLU A 210 4.86 -23.93 -1.32
C GLU A 210 4.02 -22.65 -1.27
N ARG A 211 3.44 -22.37 -0.10
CA ARG A 211 2.67 -21.16 0.10
C ARG A 211 3.57 -19.93 -0.04
N THR A 212 4.76 -19.99 0.55
CA THR A 212 5.77 -18.95 0.39
C THR A 212 6.20 -18.75 -1.07
N LEU A 213 6.49 -19.83 -1.80
CA LEU A 213 6.82 -19.71 -3.24
C LEU A 213 5.71 -19.01 -4.02
N ALA A 214 4.45 -19.38 -3.74
CA ALA A 214 3.29 -18.84 -4.45
C ALA A 214 3.20 -17.33 -4.28
N PHE A 215 3.29 -16.85 -3.04
CA PHE A 215 3.30 -15.41 -2.79
C PHE A 215 4.52 -14.70 -3.41
N ARG A 216 5.72 -15.25 -3.23
CA ARG A 216 6.93 -14.66 -3.81
C ARG A 216 6.87 -14.55 -5.33
N SER A 217 6.39 -15.61 -6.00
CA SER A 217 6.34 -15.62 -7.46
C SER A 217 5.24 -14.69 -8.02
N MET A 218 4.08 -14.64 -7.37
CA MET A 218 3.01 -13.70 -7.73
C MET A 218 3.53 -12.25 -7.69
N ILE A 219 4.14 -11.89 -6.57
CA ILE A 219 4.72 -10.53 -6.37
C ILE A 219 5.83 -10.22 -7.40
N ASP A 220 6.75 -11.16 -7.61
CA ASP A 220 7.82 -11.01 -8.64
C ASP A 220 7.26 -10.76 -10.04
N CYS A 221 6.26 -11.54 -10.42
CA CYS A 221 5.64 -11.38 -11.74
C CYS A 221 4.93 -10.03 -11.90
N VAL A 222 4.16 -9.62 -10.89
CA VAL A 222 3.47 -8.31 -10.97
C VAL A 222 4.49 -7.15 -11.06
N LEU A 223 5.51 -7.19 -10.21
CA LEU A 223 6.56 -6.16 -10.26
C LEU A 223 7.28 -6.13 -11.62
N ALA A 224 7.44 -7.30 -12.24
CA ALA A 224 8.04 -7.36 -13.59
C ALA A 224 7.19 -6.81 -14.75
N THR A 225 5.91 -6.45 -14.54
CA THR A 225 5.09 -5.85 -15.61
C THR A 225 5.30 -4.33 -15.80
N ASP A 226 6.10 -3.69 -14.95
CA ASP A 226 6.47 -2.26 -15.16
C ASP A 226 7.32 -2.19 -16.42
N MET A 227 6.84 -1.51 -17.45
CA MET A 227 7.57 -1.44 -18.75
C MET A 227 8.94 -0.73 -18.70
N ALA A 228 9.21 0.04 -17.65
CA ALA A 228 10.58 0.51 -17.37
C ALA A 228 11.59 -0.65 -17.20
N LYS A 229 11.12 -1.83 -16.81
CA LYS A 229 11.97 -3.02 -16.65
C LYS A 229 11.89 -3.96 -17.85
N HIS A 230 11.28 -3.53 -18.97
CA HIS A 230 11.00 -4.40 -20.11
C HIS A 230 12.29 -5.02 -20.64
N GLY A 231 13.27 -4.16 -20.95
CA GLY A 231 14.56 -4.62 -21.50
C GLY A 231 15.33 -5.55 -20.57
N SER A 232 15.41 -5.20 -19.29
CA SER A 232 16.16 -6.02 -18.34
C SER A 232 15.50 -7.39 -18.06
N ALA A 233 14.16 -7.45 -18.03
CA ALA A 233 13.46 -8.75 -17.94
C ALA A 233 13.71 -9.64 -19.17
N LEU A 234 13.63 -9.05 -20.35
CA LEU A 234 13.90 -9.80 -21.59
C LEU A 234 15.32 -10.36 -21.59
N GLU A 235 16.32 -9.54 -21.27
CA GLU A 235 17.72 -10.02 -21.29
C GLU A 235 18.01 -11.12 -20.23
N ALA A 236 17.47 -10.97 -19.02
CA ALA A 236 17.57 -12.02 -17.98
C ALA A 236 16.91 -13.33 -18.41
N PHE A 237 15.75 -13.26 -19.07
CA PHE A 237 15.10 -14.47 -19.59
C PHE A 237 15.96 -15.17 -20.66
N LEU A 238 16.42 -14.41 -21.64
CA LEU A 238 17.21 -14.98 -22.73
C LEU A 238 18.54 -15.59 -22.23
N ALA A 239 19.16 -14.96 -21.22
CA ALA A 239 20.38 -15.50 -20.60
C ALA A 239 20.09 -16.83 -19.88
N SER A 240 19.01 -16.87 -19.08
CA SER A 240 18.61 -18.09 -18.35
C SER A 240 18.22 -19.25 -19.28
N ALA A 241 17.62 -18.92 -20.43
CA ALA A 241 17.27 -19.93 -21.45
C ALA A 241 18.48 -20.46 -22.23
N ALA A 242 19.58 -19.69 -22.27
CA ALA A 242 20.79 -20.07 -23.01
C ALA A 242 21.45 -21.32 -22.42
N ASP A 243 21.50 -21.38 -21.09
CA ASP A 243 21.84 -22.61 -20.34
C ASP A 243 20.87 -22.80 -19.17
N GLN A 244 19.81 -23.59 -19.42
CA GLN A 244 18.73 -23.79 -18.44
C GLN A 244 19.21 -24.62 -17.26
N SER A 245 19.93 -25.71 -17.53
CA SER A 245 20.41 -26.64 -16.48
C SER A 245 21.48 -26.07 -15.53
N SER A 246 22.16 -24.99 -15.92
CA SER A 246 23.07 -24.28 -15.02
C SER A 246 22.35 -23.66 -13.81
N ASP A 247 21.10 -23.22 -14.00
CA ASP A 247 20.28 -22.70 -12.91
C ASP A 247 18.79 -22.84 -13.25
N GLU A 248 18.19 -23.97 -12.84
CA GLU A 248 16.79 -24.27 -13.17
C GLU A 248 15.80 -23.33 -12.51
N ALA A 249 16.01 -23.02 -11.23
CA ALA A 249 15.11 -22.13 -10.50
C ALA A 249 15.03 -20.74 -11.16
N ALA A 250 16.18 -20.22 -11.60
CA ALA A 250 16.23 -18.93 -12.33
C ALA A 250 15.47 -18.97 -13.65
N PHE A 251 15.62 -20.06 -14.41
CA PHE A 251 14.89 -20.23 -15.67
C PHE A 251 13.37 -20.29 -15.45
N HIS A 252 12.94 -21.05 -14.44
CA HIS A 252 11.52 -21.10 -14.08
C HIS A 252 10.94 -19.72 -13.69
N ARG A 253 11.65 -19.01 -12.82
CA ARG A 253 11.25 -17.68 -12.36
C ARG A 253 11.09 -16.73 -13.54
N MET A 254 12.10 -16.72 -14.41
CA MET A 254 12.08 -15.81 -15.56
C MET A 254 11.04 -16.17 -16.58
N THR A 255 10.79 -17.47 -16.80
CA THR A 255 9.74 -17.93 -17.70
C THR A 255 8.36 -17.43 -17.20
N MET A 256 8.11 -17.48 -15.89
CA MET A 256 6.86 -16.96 -15.33
C MET A 256 6.75 -15.44 -15.59
N GLU A 257 7.82 -14.70 -15.34
CA GLU A 257 7.81 -13.24 -15.59
C GLU A 257 7.49 -12.94 -17.05
N ILE A 258 8.17 -13.67 -17.96
CA ILE A 258 8.06 -13.40 -19.40
C ILE A 258 6.66 -13.75 -19.97
N ILE A 259 6.05 -14.81 -19.45
CA ILE A 259 4.68 -15.19 -19.86
C ILE A 259 3.60 -14.19 -19.38
N LEU A 260 3.70 -13.69 -18.15
CA LEU A 260 2.79 -12.62 -17.72
C LEU A 260 2.97 -11.37 -18.59
N LYS A 261 4.22 -10.98 -18.81
CA LYS A 261 4.53 -9.84 -19.74
C LYS A 261 3.95 -10.07 -21.14
N ALA A 262 4.11 -11.28 -21.69
CA ALA A 262 3.56 -11.64 -22.98
C ALA A 262 2.03 -11.52 -23.04
N GLY A 263 1.33 -12.04 -22.03
CA GLY A 263 -0.11 -11.82 -21.94
C GLY A 263 -0.48 -10.34 -21.92
N ASP A 264 0.28 -9.58 -21.16
CA ASP A 264 0.01 -8.15 -20.96
C ASP A 264 0.12 -7.33 -22.26
N ILE A 265 1.03 -7.71 -23.17
CA ILE A 265 1.15 -7.03 -24.48
C ILE A 265 0.63 -7.85 -25.68
N SER A 266 -0.30 -8.76 -25.43
CA SER A 266 -0.80 -9.72 -26.44
C SER A 266 -1.90 -9.19 -27.39
N ASN A 267 -2.38 -7.95 -27.23
CA ASN A 267 -3.51 -7.43 -28.04
C ASN A 267 -3.18 -7.52 -29.55
N VAL A 268 -1.92 -7.30 -29.92
CA VAL A 268 -1.46 -7.38 -31.32
C VAL A 268 -1.29 -8.80 -31.90
N THR A 269 -1.46 -9.83 -31.07
CA THR A 269 -1.44 -11.23 -31.51
C THR A 269 -2.82 -11.78 -31.83
N LYS A 270 -3.88 -10.97 -31.69
CA LYS A 270 -5.25 -11.42 -31.90
C LYS A 270 -5.77 -11.15 -33.34
N PRO A 271 -6.88 -11.80 -33.74
CA PRO A 271 -7.54 -11.44 -35.01
C PRO A 271 -7.73 -9.92 -35.12
N PHE A 272 -7.53 -9.39 -36.33
CA PHE A 272 -7.43 -7.94 -36.55
C PHE A 272 -8.50 -7.10 -35.87
N ASP A 273 -9.77 -7.48 -36.04
CA ASP A 273 -10.87 -6.69 -35.50
C ASP A 273 -10.84 -6.58 -33.96
N ILE A 274 -10.47 -7.69 -33.32
CA ILE A 274 -10.27 -7.73 -31.86
C ILE A 274 -9.09 -6.81 -31.48
N SER A 275 -7.96 -6.95 -32.19
CA SER A 275 -6.78 -6.10 -31.96
C SER A 275 -7.09 -4.61 -32.04
N ARG A 276 -7.88 -4.24 -33.04
CA ARG A 276 -8.26 -2.84 -33.25
C ARG A 276 -9.12 -2.25 -32.13
N GLN A 277 -10.07 -3.04 -31.62
CA GLN A 277 -10.89 -2.63 -30.49
C GLN A 277 -10.07 -2.37 -29.19
N TRP A 278 -9.09 -3.23 -28.91
CA TRP A 278 -8.16 -2.98 -27.80
C TRP A 278 -7.36 -1.68 -28.01
N ALA A 279 -6.83 -1.49 -29.22
CA ALA A 279 -6.05 -0.30 -29.56
C ALA A 279 -6.83 1.02 -29.35
N MET A 280 -8.11 1.03 -29.73
CA MET A 280 -8.97 2.20 -29.50
C MET A 280 -9.06 2.57 -28.02
N ALA A 281 -9.21 1.54 -27.18
CA ALA A 281 -9.41 1.75 -25.73
C ALA A 281 -8.13 2.26 -25.05
N VAL A 282 -6.98 1.64 -25.31
CA VAL A 282 -5.75 2.08 -24.67
C VAL A 282 -5.33 3.48 -25.14
N THR A 283 -5.56 3.77 -26.42
CA THR A 283 -5.31 5.11 -27.00
C THR A 283 -6.05 6.22 -26.24
N GLU A 284 -7.32 5.98 -25.93
CA GLU A 284 -8.08 6.95 -25.16
C GLU A 284 -7.47 7.19 -23.75
N GLU A 285 -6.99 6.14 -23.06
CA GLU A 285 -6.28 6.34 -21.77
C GLU A 285 -5.02 7.17 -21.91
N PHE A 286 -4.25 6.92 -22.99
CA PHE A 286 -3.04 7.73 -23.25
C PHE A 286 -3.41 9.22 -23.36
N TYR A 287 -4.42 9.52 -24.18
CA TYR A 287 -4.86 10.90 -24.36
C TYR A 287 -5.38 11.57 -23.09
N ARG A 288 -6.13 10.84 -22.29
CA ARG A 288 -6.62 11.39 -21.03
C ARG A 288 -5.49 11.70 -20.04
N GLN A 289 -4.44 10.88 -20.05
CA GLN A 289 -3.28 11.17 -19.23
C GLN A 289 -2.61 12.44 -19.71
N GLY A 290 -2.44 12.59 -21.03
CA GLY A 290 -1.88 13.81 -21.59
C GLY A 290 -2.68 15.05 -21.20
N ASP A 291 -4.02 14.96 -21.26
CA ASP A 291 -4.91 16.07 -20.87
C ASP A 291 -4.66 16.51 -19.42
N MET A 292 -4.58 15.53 -18.52
CA MET A 292 -4.37 15.80 -17.09
C MET A 292 -2.98 16.39 -16.80
N GLU A 293 -1.95 15.90 -17.52
CA GLU A 293 -0.60 16.46 -17.43
C GLU A 293 -0.56 17.94 -17.87
N LYS A 294 -1.16 18.24 -19.02
CA LYS A 294 -1.24 19.62 -19.53
C LYS A 294 -1.90 20.58 -18.53
N GLU A 295 -2.97 20.11 -17.91
CA GLU A 295 -3.70 20.89 -16.91
C GLU A 295 -2.88 21.15 -15.66
N ARG A 296 -1.96 20.24 -15.33
CA ARG A 296 -1.08 20.40 -14.17
C ARG A 296 0.27 21.05 -14.52
N GLY A 297 0.36 21.65 -15.71
CA GLY A 297 1.52 22.45 -16.11
C GLY A 297 2.70 21.73 -16.72
N VAL A 298 2.61 20.42 -16.95
CA VAL A 298 3.76 19.68 -17.48
C VAL A 298 3.67 19.59 -19.00
N GLU A 299 4.81 19.69 -19.67
CA GLU A 299 4.88 19.71 -21.14
C GLU A 299 4.88 18.25 -21.65
N VAL A 300 3.81 17.86 -22.35
CA VAL A 300 3.47 16.45 -22.64
C VAL A 300 4.20 15.90 -23.87
N LEU A 301 4.60 14.63 -23.82
CA LEU A 301 5.16 13.94 -25.00
C LEU A 301 4.07 13.74 -26.06
N PRO A 302 4.40 13.93 -27.35
CA PRO A 302 3.37 14.00 -28.40
C PRO A 302 2.52 12.73 -28.59
N MET A 303 3.05 11.57 -28.21
CA MET A 303 2.27 10.31 -28.23
C MET A 303 0.99 10.40 -27.37
N PHE A 304 1.05 11.21 -26.30
CA PHE A 304 -0.05 11.35 -25.35
C PHE A 304 -0.95 12.57 -25.64
N ASP A 305 -0.69 13.29 -26.73
CA ASP A 305 -1.29 14.59 -27.05
C ASP A 305 -2.33 14.47 -28.18
N ARG A 306 -3.61 14.66 -27.84
CA ARG A 306 -4.69 14.64 -28.86
C ARG A 306 -4.43 15.50 -30.08
N SER A 307 -3.84 16.67 -29.87
CA SER A 307 -3.63 17.64 -30.96
C SER A 307 -2.49 17.29 -31.92
N LYS A 308 -1.76 16.19 -31.68
CA LYS A 308 -0.57 15.83 -32.46
C LYS A 308 -0.71 14.51 -33.25
N ASN A 309 -1.92 13.94 -33.27
CA ASN A 309 -2.18 12.62 -33.87
C ASN A 309 -3.54 12.56 -34.61
N MET A 310 -3.68 11.60 -35.53
CA MET A 310 -4.95 11.35 -36.26
C MET A 310 -5.37 9.87 -36.12
N GLU A 311 -5.02 9.01 -37.07
CA GLU A 311 -5.52 7.62 -37.09
C GLU A 311 -4.62 6.74 -36.22
N LEU A 312 -5.12 5.54 -35.91
CA LEU A 312 -4.40 4.53 -35.15
C LEU A 312 -3.25 3.83 -35.87
N ALA A 313 -3.29 3.78 -37.20
CA ALA A 313 -2.39 2.88 -37.93
C ALA A 313 -0.93 3.08 -37.59
N LYS A 314 -0.46 4.32 -37.66
CA LYS A 314 0.97 4.59 -37.51
C LYS A 314 1.50 4.20 -36.11
N GLY A 315 0.69 4.45 -35.08
CA GLY A 315 1.04 4.07 -33.70
C GLY A 315 1.06 2.56 -33.45
N GLN A 316 0.12 1.83 -34.05
CA GLN A 316 0.15 0.37 -33.94
C GLN A 316 1.36 -0.21 -34.64
N ILE A 317 1.72 0.35 -35.79
CA ILE A 317 2.90 -0.13 -36.50
C ILE A 317 4.14 0.15 -35.65
N GLY A 318 4.23 1.34 -35.04
CA GLY A 318 5.36 1.68 -34.18
C GLY A 318 5.47 0.76 -32.97
N PHE A 319 4.34 0.47 -32.32
CA PHE A 319 4.30 -0.46 -31.17
C PHE A 319 4.78 -1.86 -31.57
N ILE A 320 4.26 -2.35 -32.68
CA ILE A 320 4.71 -3.62 -33.25
C ILE A 320 6.23 -3.63 -33.55
N ASP A 321 6.73 -2.63 -34.26
CA ASP A 321 8.15 -2.62 -34.67
C ASP A 321 9.16 -2.42 -33.53
N PHE A 322 8.85 -1.53 -32.59
CA PHE A 322 9.78 -1.18 -31.50
C PHE A 322 9.58 -1.98 -30.20
N VAL A 323 8.42 -2.61 -30.01
CA VAL A 323 8.14 -3.38 -28.76
C VAL A 323 7.74 -4.83 -29.02
N ALA A 324 6.59 -5.07 -29.63
CA ALA A 324 5.99 -6.40 -29.61
C ALA A 324 6.63 -7.44 -30.55
N ALA A 325 6.93 -7.08 -31.81
CA ALA A 325 7.49 -8.07 -32.75
C ALA A 325 8.85 -8.62 -32.28
N PRO A 326 9.80 -7.74 -31.88
CA PRO A 326 11.09 -8.28 -31.39
C PRO A 326 10.96 -9.10 -30.08
N PHE A 327 10.07 -8.68 -29.19
CA PHE A 327 9.80 -9.42 -27.94
C PHE A 327 9.32 -10.86 -28.24
N PHE A 328 8.25 -11.00 -29.01
CA PHE A 328 7.67 -12.32 -29.31
C PHE A 328 8.62 -13.19 -30.14
N GLN A 329 9.25 -12.62 -31.17
CA GLN A 329 10.16 -13.45 -31.99
CA GLN A 329 10.22 -13.36 -32.00
C GLN A 329 11.38 -13.90 -31.17
N LYS A 330 11.89 -13.06 -30.28
CA LYS A 330 13.05 -13.46 -29.48
C LYS A 330 12.72 -14.57 -28.46
N ILE A 331 11.56 -14.50 -27.80
CA ILE A 331 11.21 -15.54 -26.81
C ILE A 331 10.85 -16.88 -27.48
N VAL A 332 10.24 -16.82 -28.67
CA VAL A 332 9.88 -17.99 -29.48
C VAL A 332 11.13 -18.73 -29.94
N ASP A 333 12.08 -18.00 -30.52
CA ASP A 333 13.31 -18.59 -31.04
C ASP A 333 14.23 -19.08 -29.93
N ALA A 334 14.19 -18.44 -28.76
CA ALA A 334 15.04 -18.83 -27.63
C ALA A 334 14.62 -20.15 -26.97
N CYS A 335 13.30 -20.40 -26.88
CA CYS A 335 12.78 -21.72 -26.44
C CYS A 335 11.27 -21.95 -26.50
N LEU A 336 10.45 -20.90 -26.72
CA LEU A 336 9.01 -21.07 -26.70
C LEU A 336 8.45 -21.32 -28.10
N GLN A 337 8.91 -22.41 -28.73
CA GLN A 337 8.65 -22.70 -30.16
C GLN A 337 7.18 -22.89 -30.47
N GLY A 338 6.43 -23.42 -29.51
CA GLY A 338 5.01 -23.64 -29.68
C GLY A 338 4.18 -22.37 -29.78
N MET A 339 4.76 -21.20 -29.46
CA MET A 339 4.05 -19.91 -29.58
C MET A 339 4.27 -19.19 -30.95
N GLN A 340 4.72 -19.92 -31.97
CA GLN A 340 4.99 -19.32 -33.29
C GLN A 340 3.82 -18.53 -33.88
N TRP A 341 2.57 -18.99 -33.68
CA TRP A 341 1.41 -18.29 -34.18
C TRP A 341 1.34 -16.81 -33.77
N THR A 342 1.89 -16.46 -32.62
CA THR A 342 1.87 -15.06 -32.16
C THR A 342 2.62 -14.12 -33.11
N VAL A 343 3.80 -14.59 -33.57
CA VAL A 343 4.65 -13.84 -34.49
C VAL A 343 3.96 -13.72 -35.86
N ASP A 344 3.37 -14.82 -36.35
CA ASP A 344 2.63 -14.83 -37.62
C ASP A 344 1.48 -13.84 -37.58
N ARG A 345 0.72 -13.84 -36.48
CA ARG A 345 -0.41 -12.93 -36.38
C ARG A 345 0.01 -11.47 -36.24
N ILE A 346 1.07 -11.19 -35.47
CA ILE A 346 1.64 -9.83 -35.39
C ILE A 346 2.00 -9.33 -36.82
N LYS A 347 2.66 -10.17 -37.61
CA LYS A 347 3.06 -9.77 -38.99
C LYS A 347 1.87 -9.52 -39.90
N SER A 348 0.85 -10.34 -39.78
CA SER A 348 -0.41 -10.16 -40.49
C SER A 348 -1.12 -8.87 -40.13
N ASN A 349 -1.24 -8.58 -38.84
CA ASN A 349 -1.83 -7.33 -38.37
C ASN A 349 -1.06 -6.09 -38.82
N ARG A 350 0.27 -6.15 -38.74
CA ARG A 350 1.10 -5.03 -39.18
C ARG A 350 0.86 -4.72 -40.67
N ALA A 351 0.75 -5.77 -41.49
CA ALA A 351 0.50 -5.60 -42.93
C ALA A 351 -0.85 -4.92 -43.19
N GLN A 352 -1.86 -5.26 -42.39
CA GLN A 352 -3.19 -4.63 -42.48
C GLN A 352 -3.16 -3.14 -42.13
N TRP A 353 -2.46 -2.77 -41.05
CA TRP A 353 -2.27 -1.35 -40.73
C TRP A 353 -1.46 -0.60 -41.82
N GLU A 354 -0.45 -1.26 -42.38
CA GLU A 354 0.41 -0.66 -43.40
C GLU A 354 -0.41 -0.36 -44.69
N ARG A 355 -1.33 -1.26 -45.02
CA ARG A 355 -2.28 -1.03 -46.14
C ARG A 355 -3.18 0.16 -45.91
N VAL A 356 -3.64 0.33 -44.68
CA VAL A 356 -4.41 1.51 -44.29
C VAL A 356 -3.60 2.79 -44.55
N LEU A 357 -2.35 2.84 -44.06
CA LEU A 357 -1.46 3.98 -44.31
C LEU A 357 -1.19 4.25 -45.81
N GLU A 358 -0.94 3.20 -46.57
CA GLU A 358 -0.59 3.32 -48.00
C GLU A 358 -1.75 3.76 -48.93
N THR A 359 -2.98 3.72 -48.44
CA THR A 359 -4.16 4.06 -49.24
C THR A 359 -4.75 5.40 -48.78
N THR B 29 -16.57 4.80 2.42
CA THR B 29 -17.89 5.09 3.07
C THR B 29 -17.90 6.48 3.70
N ALA B 30 -18.94 7.27 3.42
CA ALA B 30 -19.07 8.62 3.94
C ALA B 30 -19.38 8.60 5.42
N ILE B 31 -18.89 9.61 6.15
CA ILE B 31 -19.27 9.80 7.55
C ILE B 31 -20.68 10.40 7.59
N THR B 32 -21.50 9.91 8.51
CA THR B 32 -22.91 10.31 8.62
C THR B 32 -23.12 11.42 9.65
N LYS B 33 -24.30 12.04 9.62
CA LYS B 33 -24.64 13.14 10.54
C LYS B 33 -24.70 12.65 11.99
N VAL B 34 -25.24 11.43 12.18
CA VAL B 34 -25.36 10.82 13.51
C VAL B 34 -23.99 10.48 14.14
N GLU B 35 -23.05 10.03 13.31
CA GLU B 35 -21.66 9.82 13.75
C GLU B 35 -21.03 11.13 14.23
N ARG B 36 -21.20 12.22 13.48
CA ARG B 36 -20.65 13.52 13.87
C ARG B 36 -21.28 14.11 15.14
N GLU B 37 -22.61 13.99 15.28
CA GLU B 37 -23.33 14.47 16.48
C GLU B 37 -22.91 13.76 17.79
N ALA B 38 -22.65 12.46 17.71
CA ALA B 38 -22.17 11.68 18.87
C ALA B 38 -20.83 12.20 19.43
N VAL B 39 -20.00 12.80 18.56
CA VAL B 39 -18.76 13.44 18.98
C VAL B 39 -19.02 14.84 19.52
N LEU B 40 -19.82 15.61 18.79
CA LEU B 40 -20.10 17.00 19.14
C LEU B 40 -20.79 17.18 20.50
N VAL B 41 -21.54 16.18 20.94
CA VAL B 41 -22.28 16.27 22.20
C VAL B 41 -21.38 16.15 23.44
N CYS B 42 -20.19 15.55 23.28
CA CYS B 42 -19.22 15.37 24.37
C CYS B 42 -18.69 16.71 24.86
N GLU B 43 -18.70 16.91 26.17
CA GLU B 43 -18.46 18.23 26.80
C GLU B 43 -17.11 18.37 27.52
N LEU B 44 -16.56 17.26 28.00
CA LEU B 44 -15.22 17.22 28.61
C LEU B 44 -15.13 18.09 29.87
N PRO B 45 -16.08 17.91 30.82
CA PRO B 45 -16.12 18.79 31.98
C PRO B 45 -14.96 18.47 32.93
N SER B 46 -14.24 19.51 33.35
CA SER B 46 -13.11 19.40 34.29
C SER B 46 -11.80 18.83 33.69
N PHE B 47 -11.68 18.82 32.36
CA PHE B 47 -10.41 18.47 31.67
C PHE B 47 -9.87 19.70 30.97
N ASP B 48 -8.55 19.84 30.95
CA ASP B 48 -7.86 20.84 30.11
C ASP B 48 -6.95 20.07 29.16
N VAL B 49 -7.39 19.94 27.91
CA VAL B 49 -6.65 19.16 26.90
C VAL B 49 -5.31 19.77 26.47
N THR B 50 -5.03 21.01 26.87
CA THR B 50 -3.75 21.67 26.57
C THR B 50 -2.69 21.48 27.65
N ASP B 51 -3.03 20.82 28.76
CA ASP B 51 -2.17 20.73 29.94
C ASP B 51 -1.21 19.53 29.83
N VAL B 52 0.04 19.71 30.29
CA VAL B 52 1.02 18.61 30.31
C VAL B 52 0.61 17.43 31.21
N GLU B 53 -0.25 17.66 32.19
CA GLU B 53 -0.73 16.59 33.08
C GLU B 53 -2.13 16.04 32.74
N PHE B 54 -2.66 16.38 31.55
CA PHE B 54 -3.92 15.81 31.07
C PHE B 54 -3.88 14.29 31.10
N ASP B 55 -4.95 13.67 31.57
CA ASP B 55 -4.99 12.20 31.81
C ASP B 55 -6.03 11.57 30.87
N LEU B 56 -5.55 11.02 29.75
CA LEU B 56 -6.44 10.36 28.78
C LEU B 56 -7.10 9.11 29.34
N PHE B 57 -6.45 8.42 30.28
CA PHE B 57 -7.08 7.24 30.93
C PHE B 57 -8.32 7.61 31.73
N ARG B 58 -8.27 8.72 32.45
CA ARG B 58 -9.44 9.21 33.21
C ARG B 58 -10.54 9.74 32.29
N ALA B 59 -10.16 10.39 31.20
CA ALA B 59 -11.12 10.81 30.18
C ALA B 59 -11.88 9.61 29.60
N ARG B 60 -11.17 8.51 29.34
CA ARG B 60 -11.80 7.27 28.83
C ARG B 60 -12.79 6.62 29.82
N GLU B 61 -12.45 6.64 31.11
CA GLU B 61 -13.31 6.08 32.15
C GLU B 61 -14.55 6.93 32.49
N SER B 62 -14.58 8.20 32.08
CA SER B 62 -15.65 9.12 32.49
C SER B 62 -17.00 9.00 31.75
N THR B 63 -17.06 8.17 30.70
CA THR B 63 -18.28 7.98 29.89
C THR B 63 -18.23 6.53 29.39
N ASP B 64 -19.39 5.96 29.04
CA ASP B 64 -19.44 4.64 28.37
C ASP B 64 -19.25 4.68 26.83
N LYS B 65 -18.83 5.83 26.28
CA LYS B 65 -18.51 5.98 24.86
C LYS B 65 -17.11 6.60 24.71
N PRO B 66 -16.07 5.87 25.16
CA PRO B 66 -14.72 6.44 25.16
C PRO B 66 -14.15 6.77 23.76
N LEU B 67 -14.59 6.05 22.72
CA LEU B 67 -14.19 6.37 21.34
C LEU B 67 -14.71 7.72 20.86
N ASP B 68 -15.89 8.14 21.33
CA ASP B 68 -16.42 9.48 21.04
C ASP B 68 -15.69 10.59 21.78
N VAL B 69 -15.37 10.33 23.04
CA VAL B 69 -14.65 11.29 23.88
C VAL B 69 -13.22 11.52 23.33
N ALA B 70 -12.56 10.45 22.92
CA ALA B 70 -11.23 10.52 22.27
C ALA B 70 -11.28 11.35 20.98
N ALA B 71 -12.33 11.12 20.17
CA ALA B 71 -12.50 11.91 18.94
C ALA B 71 -12.74 13.39 19.26
N ALA B 72 -13.54 13.65 20.29
CA ALA B 72 -13.83 15.03 20.73
C ALA B 72 -12.60 15.78 21.24
N ILE B 73 -11.70 15.06 21.92
CA ILE B 73 -10.43 15.64 22.39
C ILE B 73 -9.60 16.14 21.20
N ALA B 74 -9.41 15.27 20.21
CA ALA B 74 -8.70 15.67 18.96
C ALA B 74 -9.37 16.85 18.24
N TYR B 75 -10.70 16.80 18.10
CA TYR B 75 -11.48 17.87 17.43
C TYR B 75 -11.34 19.23 18.11
N ARG B 76 -11.51 19.24 19.44
CA ARG B 76 -11.41 20.50 20.20
C ARG B 76 -9.98 21.05 20.27
N LEU B 77 -8.98 20.17 20.40
CA LEU B 77 -7.57 20.59 20.29
C LEU B 77 -7.27 21.30 18.96
N LEU B 78 -7.64 20.66 17.85
CA LEU B 78 -7.33 21.20 16.52
C LEU B 78 -8.12 22.50 16.25
N LEU B 79 -9.42 22.53 16.55
CA LEU B 79 -10.21 23.78 16.37
C LEU B 79 -9.78 24.92 17.27
N GLY B 80 -9.47 24.61 18.53
CA GLY B 80 -8.94 25.58 19.47
C GLY B 80 -7.65 26.28 19.06
N SER B 81 -6.82 25.61 18.25
CA SER B 81 -5.56 26.18 17.79
C SER B 81 -5.69 27.31 16.76
N GLY B 82 -6.84 27.38 16.07
CA GLY B 82 -7.01 28.30 14.94
C GLY B 82 -6.36 27.87 13.63
N LEU B 83 -5.69 26.71 13.60
CA LEU B 83 -4.94 26.28 12.40
C LEU B 83 -5.81 25.73 11.25
N PRO B 84 -6.78 24.85 11.54
CA PRO B 84 -7.64 24.43 10.42
C PRO B 84 -8.35 25.64 9.75
N GLN B 85 -8.82 26.58 10.56
CA GLN B 85 -9.49 27.79 10.04
C GLN B 85 -8.56 28.60 9.14
N LYS B 86 -7.33 28.84 9.60
CA LYS B 86 -6.34 29.60 8.82
C LYS B 86 -6.07 28.95 7.46
N PHE B 87 -6.06 27.61 7.42
CA PHE B 87 -5.69 26.90 6.20
C PHE B 87 -6.87 26.39 5.37
N GLY B 88 -8.07 26.92 5.59
CA GLY B 88 -9.23 26.64 4.73
C GLY B 88 -9.91 25.30 4.96
N CYS B 89 -9.74 24.72 6.14
CA CYS B 89 -10.35 23.46 6.52
C CYS B 89 -11.59 23.76 7.36
N SER B 90 -12.77 23.42 6.83
CA SER B 90 -14.02 23.61 7.57
C SER B 90 -14.12 22.69 8.80
N ASP B 91 -14.97 23.07 9.75
CA ASP B 91 -15.25 22.25 10.94
C ASP B 91 -15.71 20.85 10.55
N GLU B 92 -16.59 20.77 9.54
CA GLU B 92 -17.12 19.49 9.10
C GLU B 92 -16.08 18.56 8.46
N VAL B 93 -15.21 19.11 7.61
CA VAL B 93 -14.14 18.31 6.97
C VAL B 93 -13.13 17.80 8.03
N LEU B 94 -12.80 18.64 9.00
CA LEU B 94 -11.94 18.22 10.13
C LEU B 94 -12.52 17.02 10.86
N LEU B 95 -13.82 17.09 11.18
CA LEU B 95 -14.44 16.02 11.93
C LEU B 95 -14.56 14.73 11.14
N ASN B 96 -14.89 14.86 9.85
CA ASN B 96 -14.91 13.73 8.93
C ASN B 96 -13.52 13.06 8.90
N PHE B 97 -12.46 13.87 8.80
CA PHE B 97 -11.09 13.33 8.80
C PHE B 97 -10.79 12.54 10.08
N ILE B 98 -11.10 13.13 11.24
CA ILE B 98 -10.86 12.45 12.53
C ILE B 98 -11.59 11.10 12.59
N LEU B 99 -12.84 11.07 12.12
CA LEU B 99 -13.65 9.86 12.17
C LEU B 99 -13.24 8.81 11.15
N GLN B 100 -12.77 9.22 9.96
CA GLN B 100 -12.17 8.27 9.02
C GLN B 100 -10.87 7.63 9.57
N CYS B 101 -10.06 8.41 10.29
CA CYS B 101 -8.88 7.84 10.99
C CYS B 101 -9.34 6.79 12.03
N ARG B 102 -10.30 7.17 12.88
CA ARG B 102 -10.81 6.26 13.94
C ARG B 102 -11.24 4.89 13.41
N LYS B 103 -11.93 4.87 12.26
CA LYS B 103 -12.40 3.63 11.63
C LYS B 103 -11.30 2.66 11.20
N LYS B 104 -10.10 3.18 10.96
CA LYS B 104 -8.97 2.36 10.55
C LYS B 104 -8.04 1.93 11.69
N TYR B 105 -8.38 2.22 12.95
CA TYR B 105 -7.67 1.64 14.10
C TYR B 105 -8.38 0.38 14.64
N ARG B 106 -7.58 -0.56 15.15
CA ARG B 106 -8.07 -1.87 15.59
C ARG B 106 -8.16 -1.96 17.11
N ASN B 107 -8.87 -2.98 17.58
CA ASN B 107 -9.02 -3.23 19.01
C ASN B 107 -7.80 -4.00 19.52
N VAL B 108 -6.65 -3.32 19.59
CA VAL B 108 -5.41 -3.93 20.11
C VAL B 108 -5.06 -3.19 21.40
N PRO B 109 -4.20 -3.80 22.25
CA PRO B 109 -3.99 -3.20 23.58
C PRO B 109 -3.33 -1.80 23.57
N TYR B 110 -2.40 -1.55 22.66
CA TYR B 110 -1.62 -0.29 22.66
C TYR B 110 -1.75 0.55 21.39
N HIS B 111 -1.47 -0.05 20.22
CA HIS B 111 -1.41 0.72 18.94
C HIS B 111 -2.80 0.94 18.34
N ASN B 112 -3.63 1.65 19.10
CA ASN B 112 -5.04 1.86 18.83
C ASN B 112 -5.32 3.37 18.75
N PHE B 113 -6.60 3.77 18.59
CA PHE B 113 -6.97 5.17 18.45
C PHE B 113 -6.53 6.04 19.63
N TYR B 114 -6.53 5.47 20.85
CA TYR B 114 -6.14 6.24 22.05
C TYR B 114 -4.67 6.64 22.02
N HIS B 115 -3.82 5.75 21.51
CA HIS B 115 -2.40 6.08 21.34
C HIS B 115 -2.17 7.28 20.40
N VAL B 116 -2.88 7.31 19.28
CA VAL B 116 -2.68 8.42 18.32
C VAL B 116 -3.28 9.73 18.80
N VAL B 117 -4.41 9.69 19.50
CA VAL B 117 -4.94 10.89 20.14
C VAL B 117 -3.97 11.41 21.22
N ASP B 118 -3.38 10.49 21.97
CA ASP B 118 -2.34 10.83 22.98
C ASP B 118 -1.14 11.50 22.32
N VAL B 119 -0.66 10.95 21.19
CA VAL B 119 0.51 11.53 20.49
C VAL B 119 0.17 12.95 19.98
N CYS B 120 -1.05 13.15 19.47
CA CYS B 120 -1.53 14.46 19.02
C CYS B 120 -1.54 15.49 20.18
N GLN B 121 -2.18 15.11 21.28
CA GLN B 121 -2.23 15.95 22.49
C GLN B 121 -0.84 16.28 23.04
N THR B 122 0.06 15.28 23.03
CA THR B 122 1.42 15.47 23.55
C THR B 122 2.23 16.44 22.68
N ILE B 123 2.14 16.28 21.37
CA ILE B 123 2.80 17.17 20.44
C ILE B 123 2.29 18.61 20.63
N HIS B 124 0.99 18.79 20.79
CA HIS B 124 0.45 20.13 21.07
C HIS B 124 1.18 20.75 22.29
N THR B 125 1.37 19.97 23.36
CA THR B 125 2.10 20.47 24.55
C THR B 125 3.56 20.83 24.23
N PHE B 126 4.23 20.02 23.42
CA PHE B 126 5.61 20.31 23.04
C PHE B 126 5.67 21.62 22.25
N LEU B 127 4.74 21.81 21.32
CA LEU B 127 4.71 23.03 20.49
C LEU B 127 4.35 24.28 21.30
N TYR B 128 3.35 24.20 22.18
CA TYR B 128 2.76 25.39 22.82
C TYR B 128 3.07 25.59 24.32
N ARG B 129 3.39 24.54 25.07
CA ARG B 129 3.94 24.69 26.43
C ARG B 129 5.45 24.67 26.40
N GLY B 130 6.03 23.90 25.48
CA GLY B 130 7.48 23.82 25.30
C GLY B 130 8.03 24.86 24.35
N ASN B 131 7.15 25.63 23.71
CA ASN B 131 7.50 26.71 22.75
C ASN B 131 8.29 26.29 21.50
N VAL B 132 8.18 25.00 21.11
CA VAL B 132 8.81 24.51 19.88
C VAL B 132 8.16 25.14 18.63
N TYR B 133 6.94 25.69 18.75
CA TYR B 133 6.30 26.45 17.66
C TYR B 133 7.21 27.59 17.14
N GLU B 134 8.08 28.12 18.01
CA GLU B 134 9.05 29.17 17.63
C GLU B 134 10.02 28.75 16.52
N LYS B 135 10.27 27.44 16.40
CA LYS B 135 11.21 26.88 15.42
C LYS B 135 10.56 26.46 14.09
N LEU B 136 9.23 26.52 13.99
CA LEU B 136 8.48 26.00 12.85
C LEU B 136 7.49 27.05 12.35
N THR B 137 6.99 26.84 11.13
CA THR B 137 5.89 27.65 10.60
C THR B 137 4.56 27.17 11.15
N GLU B 138 3.55 28.03 11.05
CA GLU B 138 2.18 27.65 11.41
C GLU B 138 1.69 26.44 10.62
N LEU B 139 2.06 26.36 9.34
CA LEU B 139 1.65 25.23 8.51
C LEU B 139 2.31 23.91 8.96
N GLU B 140 3.59 23.97 9.27
CA GLU B 140 4.33 22.80 9.83
C GLU B 140 3.72 22.31 11.15
N CYS B 141 3.26 23.25 11.98
CA CYS B 141 2.57 22.89 13.22
C CYS B 141 1.22 22.17 12.97
N PHE B 142 0.42 22.71 12.07
CA PHE B 142 -0.84 22.07 11.59
C PHE B 142 -0.56 20.65 11.05
N VAL B 143 0.48 20.53 10.22
CA VAL B 143 0.83 19.21 9.64
C VAL B 143 1.19 18.19 10.74
N LEU B 144 1.96 18.62 11.73
CA LEU B 144 2.34 17.73 12.84
C LEU B 144 1.15 17.18 13.61
N LEU B 145 0.19 18.03 13.94
CA LEU B 145 -1.00 17.63 14.69
C LEU B 145 -1.88 16.66 13.88
N ILE B 146 -2.03 16.93 12.58
CA ILE B 146 -2.72 16.00 11.67
C ILE B 146 -1.97 14.66 11.51
N THR B 147 -0.67 14.73 11.29
CA THR B 147 0.16 13.55 11.09
C THR B 147 0.11 12.60 12.29
N ALA B 148 0.02 13.16 13.49
CA ALA B 148 -0.11 12.36 14.71
C ALA B 148 -1.29 11.37 14.59
N LEU B 149 -2.40 11.83 14.02
CA LEU B 149 -3.61 11.03 13.90
C LEU B 149 -3.55 9.91 12.85
N VAL B 150 -2.65 10.03 11.86
CA VAL B 150 -2.47 9.00 10.81
C VAL B 150 -1.29 8.06 11.02
N HIS B 151 -0.44 8.32 12.03
CA HIS B 151 0.91 7.74 11.99
C HIS B 151 0.98 6.22 12.25
N ASP B 152 -0.08 5.60 12.79
CA ASP B 152 -0.15 4.14 13.04
C ASP B 152 -1.39 3.46 12.43
N LEU B 153 -1.99 4.03 11.38
CA LEU B 153 -3.26 3.51 10.83
C LEU B 153 -3.19 2.01 10.51
N ASP B 154 -4.19 1.27 11.00
CA ASP B 154 -4.35 -0.19 10.75
C ASP B 154 -3.21 -1.05 11.36
N HIS B 155 -2.58 -0.57 12.44
CA HIS B 155 -1.61 -1.39 13.21
C HIS B 155 -2.34 -2.63 13.77
N MET B 156 -1.72 -3.81 13.64
CA MET B 156 -2.30 -5.09 14.14
C MET B 156 -1.69 -5.62 15.46
N GLY B 157 -0.95 -4.76 16.17
CA GLY B 157 -0.15 -5.14 17.34
C GLY B 157 1.06 -6.03 17.11
N LEU B 158 1.60 -6.03 15.90
CA LEU B 158 2.78 -6.78 15.53
C LEU B 158 3.79 -5.83 14.90
N ASN B 159 5.06 -5.95 15.28
CA ASN B 159 6.11 -5.05 14.76
C ASN B 159 6.70 -5.52 13.41
N ASN B 160 7.56 -4.69 12.83
CA ASN B 160 8.19 -4.98 11.53
C ASN B 160 8.94 -6.31 11.52
N SER B 161 9.64 -6.58 12.61
CA SER B 161 10.40 -7.82 12.77
C SER B 161 9.54 -9.08 12.59
N PHE B 162 8.35 -9.10 13.17
CA PHE B 162 7.43 -10.22 13.02
C PHE B 162 7.18 -10.56 11.54
N TYR B 163 6.83 -9.54 10.75
CA TYR B 163 6.46 -9.74 9.32
C TYR B 163 7.62 -10.31 8.48
N LEU B 164 8.84 -9.90 8.81
CA LEU B 164 10.03 -10.38 8.13
C LEU B 164 10.43 -11.81 8.58
N LYS B 165 10.48 -12.03 9.90
CA LYS B 165 10.89 -13.34 10.46
C LYS B 165 9.99 -14.52 10.03
N THR B 166 8.69 -14.27 9.92
CA THR B 166 7.71 -15.30 9.61
C THR B 166 7.43 -15.49 8.10
N GLU B 167 8.13 -14.74 7.25
CA GLU B 167 7.84 -14.73 5.80
C GLU B 167 6.34 -14.52 5.50
N SER B 168 5.72 -13.61 6.23
CA SER B 168 4.34 -13.23 5.98
C SER B 168 4.20 -12.55 4.60
N PRO B 169 3.00 -12.56 4.01
CA PRO B 169 2.85 -11.88 2.70
C PRO B 169 3.36 -10.42 2.67
N LEU B 170 3.09 -9.65 3.72
CA LEU B 170 3.55 -8.26 3.77
C LEU B 170 5.07 -8.14 3.90
N GLY B 171 5.69 -9.07 4.64
CA GLY B 171 7.14 -9.17 4.69
C GLY B 171 7.76 -9.49 3.34
N ILE B 172 7.16 -10.41 2.61
CA ILE B 172 7.62 -10.75 1.25
C ILE B 172 7.57 -9.51 0.35
N LEU B 173 6.44 -8.82 0.34
CA LEU B 173 6.29 -7.62 -0.51
C LEU B 173 7.31 -6.53 -0.16
N SER B 174 7.53 -6.30 1.14
CA SER B 174 8.54 -5.34 1.60
C SER B 174 9.93 -5.67 1.08
N SER B 175 10.29 -6.95 1.21
CA SER B 175 11.58 -7.46 0.77
C SER B 175 11.76 -7.35 -0.76
N ALA B 176 10.76 -7.81 -1.50
CA ALA B 176 10.78 -7.70 -2.96
C ALA B 176 10.84 -6.25 -3.45
N SER B 177 10.16 -5.33 -2.77
CA SER B 177 10.11 -3.92 -3.22
C SER B 177 11.21 -3.01 -2.64
N GLY B 178 12.05 -3.50 -1.74
CA GLY B 178 13.24 -2.76 -1.27
C GLY B 178 13.12 -1.75 -0.11
N ASN B 179 12.14 -1.93 0.76
CA ASN B 179 12.02 -1.09 1.97
C ASN B 179 11.64 -1.96 3.18
N THR B 180 12.43 -1.89 4.25
CA THR B 180 12.22 -2.68 5.48
C THR B 180 11.22 -2.05 6.47
N SER B 181 10.81 -0.81 6.22
CA SER B 181 9.82 -0.15 7.06
C SER B 181 8.41 -0.61 6.67
N VAL B 182 8.10 -1.87 7.01
CA VAL B 182 6.88 -2.57 6.57
C VAL B 182 5.62 -1.81 6.96
N LEU B 183 5.48 -1.54 8.25
CA LEU B 183 4.29 -0.89 8.76
C LEU B 183 4.18 0.58 8.35
N GLU B 184 5.30 1.29 8.37
CA GLU B 184 5.30 2.75 8.20
C GLU B 184 4.85 3.11 6.76
N VAL B 185 5.30 2.32 5.78
CA VAL B 185 4.81 2.49 4.39
C VAL B 185 3.30 2.22 4.30
N HIS B 186 2.82 1.16 4.96
CA HIS B 186 1.39 0.87 5.05
C HIS B 186 0.58 2.05 5.68
N HIS B 187 1.06 2.63 6.79
CA HIS B 187 0.36 3.76 7.43
C HIS B 187 0.26 4.95 6.44
N CYS B 188 1.33 5.22 5.70
CA CYS B 188 1.36 6.31 4.71
C CYS B 188 0.36 6.07 3.58
N ASN B 189 0.27 4.84 3.09
CA ASN B 189 -0.71 4.47 2.05
C ASN B 189 -2.14 4.75 2.46
N LEU B 190 -2.48 4.40 3.70
CA LEU B 190 -3.85 4.66 4.20
C LEU B 190 -4.13 6.14 4.48
N ALA B 191 -3.12 6.89 4.90
CA ALA B 191 -3.24 8.36 5.04
C ALA B 191 -3.58 9.02 3.69
N VAL B 192 -2.84 8.63 2.66
CA VAL B 192 -3.08 9.13 1.30
C VAL B 192 -4.52 8.81 0.86
N GLU B 193 -4.96 7.58 1.14
CA GLU B 193 -6.33 7.15 0.86
C GLU B 193 -7.38 8.04 1.52
N ILE B 194 -7.24 8.32 2.81
CA ILE B 194 -8.20 9.22 3.50
C ILE B 194 -8.22 10.61 2.87
N LEU B 195 -7.05 11.16 2.57
CA LEU B 195 -6.94 12.50 2.05
C LEU B 195 -7.33 12.66 0.56
N SER B 196 -7.52 11.56 -0.15
CA SER B 196 -7.93 11.60 -1.58
C SER B 196 -9.42 11.94 -1.79
N ASP B 197 -10.24 11.88 -0.72
CA ASP B 197 -11.64 12.37 -0.73
C ASP B 197 -11.69 13.81 -0.18
N PRO B 198 -12.15 14.79 -0.99
CA PRO B 198 -12.26 16.18 -0.48
C PRO B 198 -13.07 16.34 0.82
N GLU B 199 -14.06 15.48 1.03
CA GLU B 199 -14.86 15.54 2.27
C GLU B 199 -14.10 15.23 3.56
N SER B 200 -12.94 14.55 3.44
CA SER B 200 -12.06 14.28 4.60
C SER B 200 -10.61 14.76 4.37
N ASP B 201 -10.39 15.67 3.41
CA ASP B 201 -9.05 16.20 3.10
C ASP B 201 -8.83 17.55 3.81
N VAL B 202 -8.17 17.46 4.97
CA VAL B 202 -7.83 18.64 5.77
C VAL B 202 -6.81 19.57 5.08
N PHE B 203 -6.19 19.12 3.99
CA PHE B 203 -5.29 19.95 3.18
C PHE B 203 -5.93 20.50 1.88
N ASP B 204 -7.25 20.33 1.71
CA ASP B 204 -7.95 20.75 0.45
C ASP B 204 -7.91 22.28 0.25
N GLY B 205 -7.81 23.03 1.35
CA GLY B 205 -7.65 24.49 1.29
C GLY B 205 -6.28 25.00 0.85
N LEU B 206 -5.29 24.11 0.74
CA LEU B 206 -3.95 24.48 0.29
C LEU B 206 -3.80 24.27 -1.21
N GLU B 207 -2.87 25.01 -1.80
CA GLU B 207 -2.55 24.93 -3.23
C GLU B 207 -1.05 24.96 -3.45
N GLY B 208 -0.61 24.46 -4.59
CA GLY B 208 0.78 24.60 -5.04
C GLY B 208 1.80 24.08 -4.05
N ALA B 209 2.82 24.92 -3.76
CA ALA B 209 3.95 24.52 -2.92
C ALA B 209 3.58 24.20 -1.46
N GLU B 210 2.60 24.93 -0.90
CA GLU B 210 2.09 24.62 0.44
C GLU B 210 1.46 23.22 0.50
N ARG B 211 0.66 22.85 -0.49
CA ARG B 211 0.04 21.52 -0.52
C ARG B 211 1.10 20.43 -0.64
N THR B 212 2.06 20.63 -1.53
CA THR B 212 3.16 19.67 -1.73
C THR B 212 3.99 19.49 -0.45
N LEU B 213 4.32 20.60 0.23
CA LEU B 213 5.03 20.52 1.53
C LEU B 213 4.24 19.73 2.58
N ALA B 214 2.93 19.95 2.66
CA ALA B 214 2.07 19.23 3.61
C ALA B 214 2.14 17.71 3.43
N PHE B 215 2.00 17.25 2.19
CA PHE B 215 2.08 15.82 1.89
C PHE B 215 3.49 15.25 2.12
N ARG B 216 4.51 15.94 1.62
CA ARG B 216 5.87 15.42 1.74
C ARG B 216 6.35 15.36 3.20
N SER B 217 6.01 16.40 3.98
CA SER B 217 6.45 16.46 5.39
C SER B 217 5.71 15.43 6.22
N MET B 218 4.41 15.27 5.98
CA MET B 218 3.62 14.19 6.61
C MET B 218 4.27 12.81 6.41
N ILE B 219 4.57 12.49 5.15
CA ILE B 219 5.15 11.18 4.78
C ILE B 219 6.56 10.98 5.40
N ASP B 220 7.44 11.97 5.26
CA ASP B 220 8.78 11.94 5.87
C ASP B 220 8.71 11.66 7.41
N CYS B 221 7.78 12.32 8.07
CA CYS B 221 7.61 12.17 9.52
C CYS B 221 7.16 10.74 9.90
N VAL B 222 6.12 10.23 9.21
CA VAL B 222 5.65 8.86 9.44
C VAL B 222 6.78 7.83 9.20
N LEU B 223 7.49 7.96 8.08
CA LEU B 223 8.60 7.05 7.78
C LEU B 223 9.71 7.11 8.83
N ALA B 224 9.94 8.29 9.42
CA ALA B 224 10.92 8.46 10.50
C ALA B 224 10.55 7.84 11.84
N THR B 225 9.32 7.35 12.02
CA THR B 225 8.94 6.63 13.25
C THR B 225 9.48 5.19 13.34
N ASP B 226 10.01 4.62 12.26
CA ASP B 226 10.64 3.29 12.33
C ASP B 226 11.87 3.36 13.24
N MET B 227 11.84 2.62 14.35
CA MET B 227 12.95 2.70 15.32
C MET B 227 14.32 2.17 14.81
N ALA B 228 14.33 1.44 13.70
CA ALA B 228 15.59 1.12 13.00
C ALA B 228 16.35 2.38 12.49
N LYS B 229 15.63 3.49 12.27
CA LYS B 229 16.23 4.75 11.86
C LYS B 229 16.47 5.70 13.04
N HIS B 230 16.31 5.24 14.29
CA HIS B 230 16.34 6.15 15.47
C HIS B 230 17.66 6.94 15.56
N GLY B 231 18.80 6.24 15.54
CA GLY B 231 20.10 6.90 15.65
C GLY B 231 20.41 7.85 14.49
N SER B 232 20.07 7.43 13.27
CA SER B 232 20.35 8.29 12.11
C SER B 232 19.47 9.56 12.11
N ALA B 233 18.19 9.44 12.51
CA ALA B 233 17.32 10.63 12.66
C ALA B 233 17.86 11.57 13.74
N LEU B 234 18.22 11.03 14.90
CA LEU B 234 18.77 11.86 15.99
C LEU B 234 20.06 12.58 15.55
N GLU B 235 20.98 11.84 14.95
CA GLU B 235 22.25 12.41 14.45
C GLU B 235 22.03 13.53 13.43
N ALA B 236 21.08 13.35 12.52
CA ALA B 236 20.77 14.37 11.49
C ALA B 236 20.14 15.63 12.11
N PHE B 237 19.26 15.44 13.09
CA PHE B 237 18.69 16.58 13.82
C PHE B 237 19.76 17.40 14.54
N LEU B 238 20.64 16.73 15.28
CA LEU B 238 21.65 17.43 16.07
C LEU B 238 22.62 18.23 15.16
N ALA B 239 23.02 17.62 14.04
CA ALA B 239 23.84 18.32 13.03
C ALA B 239 23.13 19.55 12.48
N SER B 240 21.85 19.43 12.12
CA SER B 240 21.11 20.59 11.62
C SER B 240 20.89 21.67 12.68
N ALA B 241 20.72 21.28 13.94
CA ALA B 241 20.51 22.24 15.05
C ALA B 241 21.75 23.10 15.32
N ALA B 242 22.92 22.52 15.08
CA ALA B 242 24.21 23.17 15.28
C ALA B 242 24.60 24.16 14.17
N ASP B 243 23.87 24.12 13.04
CA ASP B 243 24.16 24.95 11.88
C ASP B 243 22.84 25.20 11.12
N GLN B 244 21.90 25.87 11.79
CA GLN B 244 20.55 26.07 11.26
C GLN B 244 20.55 26.89 9.95
N SER B 245 21.26 28.02 9.94
CA SER B 245 21.19 28.95 8.80
C SER B 245 21.81 28.44 7.48
N SER B 246 22.74 27.49 7.56
CA SER B 246 23.29 26.87 6.34
C SER B 246 22.32 25.97 5.57
N ASP B 247 21.26 25.47 6.22
CA ASP B 247 20.21 24.72 5.51
C ASP B 247 18.93 24.70 6.35
N GLU B 248 18.16 25.79 6.22
CA GLU B 248 16.93 25.93 6.99
C GLU B 248 15.86 24.90 6.60
N ALA B 249 15.72 24.57 5.31
CA ALA B 249 14.78 23.52 4.90
C ALA B 249 15.06 22.17 5.66
N ALA B 250 16.33 21.79 5.76
CA ALA B 250 16.69 20.54 6.46
C ALA B 250 16.45 20.67 7.97
N PHE B 251 16.77 21.83 8.55
CA PHE B 251 16.51 22.03 9.97
C PHE B 251 15.01 21.94 10.31
N HIS B 252 14.17 22.59 9.51
CA HIS B 252 12.73 22.52 9.73
C HIS B 252 12.18 21.09 9.57
N ARG B 253 12.61 20.40 8.51
CA ARG B 253 12.14 19.03 8.29
C ARG B 253 12.60 18.07 9.41
N MET B 254 13.86 18.16 9.84
CA MET B 254 14.36 17.31 10.94
C MET B 254 13.71 17.61 12.29
N THR B 255 13.39 18.88 12.54
CA THR B 255 12.65 19.25 13.74
C THR B 255 11.25 18.61 13.76
N MET B 256 10.56 18.62 12.62
CA MET B 256 9.26 17.96 12.51
C MET B 256 9.41 16.44 12.79
N GLU B 257 10.41 15.81 12.17
CA GLU B 257 10.63 14.36 12.37
C GLU B 257 10.91 14.03 13.85
N ILE B 258 11.75 14.84 14.47
CA ILE B 258 12.18 14.60 15.86
C ILE B 258 11.02 14.86 16.84
N ILE B 259 10.12 15.80 16.51
CA ILE B 259 8.93 16.05 17.35
C ILE B 259 7.89 14.91 17.25
N LEU B 260 7.64 14.37 16.05
CA LEU B 260 6.77 13.17 15.96
C LEU B 260 7.39 11.99 16.70
N LYS B 261 8.69 11.77 16.50
CA LYS B 261 9.43 10.74 17.25
C LYS B 261 9.29 10.92 18.77
N ALA B 262 9.49 12.16 19.23
CA ALA B 262 9.39 12.48 20.67
C ALA B 262 7.99 12.19 21.22
N GLY B 263 6.96 12.60 20.47
CA GLY B 263 5.57 12.26 20.80
C GLY B 263 5.32 10.75 20.89
N ASP B 264 5.87 10.02 19.93
CA ASP B 264 5.72 8.56 19.85
C ASP B 264 6.34 7.79 21.03
N ILE B 265 7.47 8.28 21.57
CA ILE B 265 8.10 7.64 22.74
C ILE B 265 7.93 8.49 24.02
N SER B 266 6.85 9.27 24.11
CA SER B 266 6.63 10.21 25.20
C SER B 266 6.01 9.61 26.48
N ASN B 267 5.65 8.31 26.48
CA ASN B 267 4.95 7.73 27.64
C ASN B 267 5.80 7.91 28.95
N VAL B 268 7.12 7.79 28.86
CA VAL B 268 8.02 7.98 30.03
C VAL B 268 8.14 9.43 30.56
N THR B 269 7.56 10.41 29.84
CA THR B 269 7.60 11.82 30.21
C THR B 269 6.34 12.27 30.94
N LYS B 270 5.43 11.35 31.22
CA LYS B 270 4.12 11.67 31.80
C LYS B 270 4.11 11.37 33.32
N PRO B 271 3.13 11.92 34.06
CA PRO B 271 2.97 11.54 35.48
C PRO B 271 3.01 10.02 35.64
N PHE B 272 3.60 9.52 36.73
CA PHE B 272 3.94 8.09 36.87
C PHE B 272 2.79 7.12 36.57
N ASP B 273 1.60 7.37 37.13
CA ASP B 273 0.48 6.44 36.96
C ASP B 273 0.02 6.35 35.48
N ILE B 274 0.06 7.48 34.77
CA ILE B 274 -0.21 7.51 33.31
C ILE B 274 0.88 6.70 32.59
N SER B 275 2.13 7.01 32.88
CA SER B 275 3.25 6.26 32.31
C SER B 275 3.18 4.72 32.52
N ARG B 276 2.80 4.32 33.73
CA ARG B 276 2.65 2.91 34.08
C ARG B 276 1.54 2.23 33.29
N GLN B 277 0.40 2.87 33.14
CA GLN B 277 -0.72 2.28 32.40
C GLN B 277 -0.38 2.07 30.92
N TRP B 278 0.35 3.01 30.30
CA TRP B 278 0.85 2.79 28.93
C TRP B 278 1.81 1.61 28.84
N ALA B 279 2.75 1.49 29.78
CA ALA B 279 3.73 0.40 29.82
C ALA B 279 3.07 -0.99 29.96
N MET B 280 2.03 -1.08 30.79
CA MET B 280 1.21 -2.32 30.88
C MET B 280 0.57 -2.71 29.53
N ALA B 281 0.07 -1.72 28.79
CA ALA B 281 -0.59 -1.99 27.50
C ALA B 281 0.41 -2.43 26.41
N VAL B 282 1.56 -1.76 26.34
CA VAL B 282 2.68 -2.15 25.47
C VAL B 282 3.11 -3.60 25.76
N THR B 283 3.27 -3.92 27.04
CA THR B 283 3.70 -5.23 27.45
C THR B 283 2.75 -6.34 26.99
N GLU B 284 1.45 -6.13 27.13
CA GLU B 284 0.44 -7.13 26.72
C GLU B 284 0.48 -7.37 25.20
N GLU B 285 0.71 -6.29 24.43
CA GLU B 285 0.89 -6.43 22.97
C GLU B 285 2.13 -7.25 22.62
N PHE B 286 3.25 -7.00 23.32
CA PHE B 286 4.47 -7.78 23.11
C PHE B 286 4.26 -9.27 23.40
N TYR B 287 3.56 -9.58 24.49
CA TYR B 287 3.28 -10.99 24.85
C TYR B 287 2.38 -11.69 23.82
N ARG B 288 1.41 -10.96 23.27
CA ARG B 288 0.55 -11.50 22.22
C ARG B 288 1.32 -11.80 20.94
N GLN B 289 2.28 -10.93 20.58
CA GLN B 289 3.17 -11.20 19.46
C GLN B 289 4.02 -12.45 19.74
N GLY B 290 4.56 -12.55 20.95
CA GLY B 290 5.38 -13.71 21.31
C GLY B 290 4.63 -15.03 21.20
N ASP B 291 3.37 -15.04 21.61
CA ASP B 291 2.51 -16.23 21.55
C ASP B 291 2.28 -16.67 20.08
N MET B 292 1.98 -15.70 19.22
CA MET B 292 1.86 -15.97 17.78
C MET B 292 3.17 -16.47 17.16
N GLU B 293 4.31 -15.94 17.61
CA GLU B 293 5.62 -16.43 17.20
C GLU B 293 5.88 -17.88 17.63
N LYS B 294 5.49 -18.25 18.86
CA LYS B 294 5.65 -19.65 19.34
C LYS B 294 4.90 -20.67 18.48
N GLU B 295 3.68 -20.34 18.08
CA GLU B 295 2.87 -21.19 17.22
C GLU B 295 3.42 -21.35 15.79
N ARG B 296 4.20 -20.37 15.32
CA ARG B 296 4.87 -20.42 14.01
C ARG B 296 6.31 -20.95 14.09
N GLY B 297 6.78 -21.32 15.28
CA GLY B 297 8.10 -21.90 15.46
C GLY B 297 9.28 -20.99 15.21
N VAL B 298 9.08 -19.67 15.36
CA VAL B 298 10.17 -18.70 15.16
C VAL B 298 10.69 -18.19 16.51
N GLU B 299 11.88 -17.57 16.46
CA GLU B 299 12.58 -17.08 17.64
C GLU B 299 11.77 -16.00 18.37
N VAL B 300 11.64 -16.16 19.69
CA VAL B 300 10.95 -15.21 20.56
C VAL B 300 11.95 -14.54 21.50
N LEU B 301 12.06 -13.21 21.41
CA LEU B 301 12.93 -12.45 22.32
C LEU B 301 12.37 -12.49 23.75
N PRO B 302 13.26 -12.48 24.78
CA PRO B 302 12.82 -12.56 26.18
C PRO B 302 11.69 -11.60 26.59
N MET B 303 11.79 -10.34 26.17
CA MET B 303 10.78 -9.32 26.45
C MET B 303 9.38 -9.64 25.88
N PHE B 304 9.32 -10.50 24.88
CA PHE B 304 8.06 -10.92 24.26
C PHE B 304 7.52 -12.26 24.79
N ASP B 305 8.22 -12.86 25.76
CA ASP B 305 7.94 -14.23 26.22
C ASP B 305 7.15 -14.23 27.54
N ARG B 306 5.87 -14.56 27.43
CA ARG B 306 4.92 -14.57 28.55
C ARG B 306 5.32 -15.57 29.67
N SER B 307 6.05 -16.62 29.30
CA SER B 307 6.53 -17.61 30.28
C SER B 307 7.57 -17.06 31.26
N LYS B 308 8.44 -16.17 30.79
CA LYS B 308 9.50 -15.60 31.64
C LYS B 308 8.99 -14.55 32.64
N ASN B 309 7.85 -13.91 32.34
CA ASN B 309 7.20 -12.94 33.24
C ASN B 309 8.18 -11.88 33.80
N MET B 310 8.95 -11.29 32.90
CA MET B 310 9.97 -10.31 33.28
C MET B 310 9.35 -9.09 33.95
N GLU B 311 10.15 -8.37 34.70
CA GLU B 311 9.63 -7.34 35.56
C GLU B 311 9.50 -6.04 34.77
N LEU B 312 8.32 -5.44 34.87
CA LEU B 312 7.99 -4.18 34.24
C LEU B 312 8.98 -3.06 34.63
N ALA B 313 9.39 -3.01 35.90
CA ALA B 313 10.35 -2.01 36.37
C ALA B 313 11.69 -2.10 35.65
N LYS B 314 12.23 -3.33 35.52
CA LYS B 314 13.48 -3.58 34.78
C LYS B 314 13.40 -3.13 33.30
N GLY B 315 12.29 -3.43 32.62
CA GLY B 315 12.13 -3.03 31.24
C GLY B 315 12.00 -1.50 31.04
N GLN B 316 11.24 -0.85 31.92
CA GLN B 316 11.13 0.61 31.86
C GLN B 316 12.45 1.32 32.17
N ILE B 317 13.21 0.83 33.16
CA ILE B 317 14.53 1.39 33.44
C ILE B 317 15.47 1.20 32.23
N GLY B 318 15.42 0.01 31.60
CA GLY B 318 16.23 -0.26 30.41
C GLY B 318 15.93 0.69 29.25
N PHE B 319 14.65 0.89 28.96
CA PHE B 319 14.21 1.80 27.91
C PHE B 319 14.63 3.24 28.21
N ILE B 320 14.45 3.66 29.47
CA ILE B 320 14.90 4.99 29.89
C ILE B 320 16.41 5.16 29.68
N ASP B 321 17.20 4.20 30.13
CA ASP B 321 18.66 4.38 30.14
C ASP B 321 19.26 4.33 28.74
N PHE B 322 18.79 3.41 27.89
CA PHE B 322 19.39 3.19 26.58
C PHE B 322 18.77 3.98 25.43
N VAL B 323 17.52 4.42 25.59
CA VAL B 323 16.80 5.13 24.52
C VAL B 323 16.29 6.52 24.94
N ALA B 324 15.36 6.56 25.90
CA ALA B 324 14.63 7.80 26.18
C ALA B 324 15.41 8.94 26.85
N ALA B 325 16.16 8.67 27.93
CA ALA B 325 16.88 9.74 28.62
C ALA B 325 17.92 10.41 27.70
N PRO B 326 18.74 9.62 27.00
CA PRO B 326 19.68 10.26 26.06
C PRO B 326 19.00 11.07 24.93
N PHE B 327 17.88 10.57 24.38
CA PHE B 327 17.13 11.23 23.32
C PHE B 327 16.62 12.57 23.78
N PHE B 328 15.84 12.58 24.86
CA PHE B 328 15.28 13.85 25.35
C PHE B 328 16.36 14.81 25.85
N GLN B 329 17.38 14.32 26.57
CA GLN B 329 18.45 15.23 27.05
C GLN B 329 19.21 15.90 25.88
N LYS B 330 19.52 15.11 24.85
CA LYS B 330 20.24 15.65 23.68
C LYS B 330 19.45 16.69 22.88
N ILE B 331 18.17 16.43 22.61
CA ILE B 331 17.36 17.42 21.84
C ILE B 331 17.10 18.70 22.64
N VAL B 332 16.91 18.57 23.97
CA VAL B 332 16.72 19.73 24.85
C VAL B 332 17.99 20.61 24.89
N ASP B 333 19.15 19.98 25.11
CA ASP B 333 20.45 20.67 25.10
C ASP B 333 20.81 21.32 23.75
N ALA B 334 20.46 20.69 22.64
CA ALA B 334 20.80 21.19 21.30
C ALA B 334 20.06 22.47 20.90
N CYS B 335 18.79 22.58 21.29
CA CYS B 335 17.97 23.77 21.04
C CYS B 335 16.56 23.79 21.64
N LEU B 336 15.97 22.64 22.03
CA LEU B 336 14.59 22.63 22.53
C LEU B 336 14.52 22.82 24.07
N GLN B 337 15.01 23.97 24.52
CA GLN B 337 15.19 24.26 25.96
C GLN B 337 13.89 24.28 26.75
N GLY B 338 12.83 24.74 26.09
CA GLY B 338 11.48 24.76 26.64
C GLY B 338 10.87 23.42 27.04
N MET B 339 11.42 22.32 26.51
CA MET B 339 10.97 20.95 26.82
C MET B 339 11.74 20.30 28.00
N GLN B 340 12.43 21.10 28.82
CA GLN B 340 13.20 20.61 29.97
C GLN B 340 12.38 19.72 30.91
N TRP B 341 11.09 20.04 31.11
CA TRP B 341 10.19 19.20 31.94
C TRP B 341 10.22 17.70 31.57
N THR B 342 10.41 17.38 30.29
CA THR B 342 10.47 15.97 29.87
C THR B 342 11.64 15.20 30.51
N VAL B 343 12.79 15.84 30.58
CA VAL B 343 13.99 15.30 31.20
C VAL B 343 13.77 15.11 32.73
N ASP B 344 13.18 16.12 33.37
CA ASP B 344 12.91 16.08 34.82
C ASP B 344 11.93 14.94 35.16
N ARG B 345 10.86 14.79 34.37
CA ARG B 345 9.88 13.72 34.62
C ARG B 345 10.46 12.31 34.35
N ILE B 346 11.26 12.15 33.29
CA ILE B 346 11.93 10.88 33.06
C ILE B 346 12.79 10.49 34.30
N LYS B 347 13.54 11.45 34.84
CA LYS B 347 14.35 11.21 36.04
C LYS B 347 13.51 10.77 37.24
N SER B 348 12.40 11.45 37.48
CA SER B 348 11.56 11.10 38.63
C SER B 348 10.84 9.75 38.43
N ASN B 349 10.43 9.45 37.19
CA ASN B 349 9.81 8.14 36.90
C ASN B 349 10.84 7.00 37.08
N ARG B 350 12.07 7.19 36.59
CA ARG B 350 13.15 6.20 36.79
C ARG B 350 13.39 5.93 38.29
N ALA B 351 13.37 6.98 39.11
CA ALA B 351 13.59 6.85 40.56
C ALA B 351 12.46 6.04 41.21
N GLN B 352 11.21 6.28 40.78
CA GLN B 352 10.06 5.48 41.24
C GLN B 352 10.19 4.00 40.87
N TRP B 353 10.58 3.68 39.64
CA TRP B 353 10.81 2.30 39.23
C TRP B 353 11.93 1.61 40.03
N GLU B 354 13.01 2.35 40.32
CA GLU B 354 14.09 1.86 41.22
C GLU B 354 13.55 1.45 42.60
N ARG B 355 12.68 2.29 43.16
CA ARG B 355 12.07 2.01 44.47
C ARG B 355 11.15 0.77 44.47
N VAL B 356 10.43 0.54 43.36
CA VAL B 356 9.68 -0.70 43.15
C VAL B 356 10.65 -1.89 43.31
N LEU B 357 11.79 -1.85 42.65
CA LEU B 357 12.79 -2.93 42.76
C LEU B 357 13.42 -3.05 44.16
N GLU B 358 13.77 -1.92 44.76
CA GLU B 358 14.41 -1.90 46.08
C GLU B 358 13.55 -2.46 47.19
N THR B 359 12.22 -2.38 47.07
CA THR B 359 11.32 -2.85 48.13
C THR B 359 10.78 -4.27 47.89
N ARG B 360 11.14 -4.92 46.77
CA ARG B 360 10.67 -6.28 46.49
C ARG B 360 11.19 -7.30 47.49
#